data_9LO7
#
_entry.id   9LO7
#
_cell.length_a   57.348
_cell.length_b   79.685
_cell.length_c   162.299
_cell.angle_alpha   90.000
_cell.angle_beta   90.000
_cell.angle_gamma   90.000
#
_symmetry.space_group_name_H-M   'P 21 21 21'
#
loop_
_entity.id
_entity.type
_entity.pdbx_description
1 polymer "3',5'-cyclic-AMP phosphodiesterase 4D"
2 non-polymer 'ZINC ION'
3 non-polymer 'MAGNESIUM ION'
4 non-polymer 'methyl 4-[[2-[4-[bis(fluoranyl)methoxy]-3-(cyclopropen-1-ylmethoxy)phenyl]-6-oxidanyl-1-benzofuran-7-yl]oxy]-1~{H}-pyrrole-2-carboxylate'
5 water water
#
_entity_poly.entity_id   1
_entity_poly.type   'polypeptide(L)'
_entity_poly.pdbx_seq_one_letter_code
;MASNKFKRMLNRELTHLSEMSRSGNQVSEFISNTFLDKQHEVEIPSPTQKEKEKKKRPMSQISGVKKLMHSSSLTNSSIP
RFGVKTEQEDVLAKELEDVNKWGLHVFRIAELSGNRPLTVIMHTIFQERDLLKTFKIPVDTLITYLMTLEDHYHADVAYH
NNIHAADVVQSTHVLLSTPALEAVFTDLEILAAIFASAIHDVDHPGVSNQFLINTNSELALMYNDSSVLENHHLAVGFKL
LQEENCDIFQNLTKKQRQSLRKMVIDIVLATDMSKHMNLLADLKTMVETKKVTSSGVLLLDNYSDRIQVLQNMVHCADLS
NPTKPLQLYRQWTDRIMEEFFRQGDRERERGMEISPMCDKHNASVEKSQVGFIDYIVHPLWETWADLVHPDAQDILDTLE
DNREWYQSTIPQSPSPAPDDPEEGRQGQTEKFQFELTLEEDGESDTEKDSGSQVEEDTSCSDSKTLCTQDSESTEIPLDE
QVEEEAVGEEEESQPEACVIDDRSPD
;
_entity_poly.pdbx_strand_id   A,B
#
loop_
_chem_comp.id
_chem_comp.type
_chem_comp.name
_chem_comp.formula
A1EKX non-polymer 'methyl 4-[[2-[4-[bis(fluoranyl)methoxy]-3-(cyclopropen-1-ylmethoxy)phenyl]-6-oxidanyl-1-benzofuran-7-yl]oxy]-1~{H}-pyrrole-2-carboxylate' 'C25 H19 F2 N O7'
MG non-polymer 'MAGNESIUM ION' 'Mg 2'
ZN non-polymer 'ZINC ION' 'Zn 2'
#
# COMPACT_ATOMS: atom_id res chain seq x y z
N GLN A 88 37.32 -19.19 -18.11
CA GLN A 88 35.96 -19.00 -17.66
C GLN A 88 35.18 -17.96 -18.46
N GLU A 89 35.75 -16.75 -18.62
CA GLU A 89 35.02 -15.65 -19.24
C GLU A 89 34.60 -15.98 -20.67
N ASP A 90 35.40 -16.80 -21.37
CA ASP A 90 35.00 -17.27 -22.69
C ASP A 90 33.77 -18.17 -22.60
N VAL A 91 33.76 -19.09 -21.64
CA VAL A 91 32.61 -19.97 -21.43
C VAL A 91 31.38 -19.16 -21.05
N LEU A 92 31.53 -18.23 -20.10
CA LEU A 92 30.42 -17.34 -19.73
C LEU A 92 29.90 -16.59 -20.95
N ALA A 93 30.78 -15.93 -21.70
CA ALA A 93 30.38 -15.23 -22.90
C ALA A 93 29.60 -16.14 -23.84
N LYS A 94 29.98 -17.41 -23.91
CA LYS A 94 29.28 -18.37 -24.73
C LYS A 94 27.85 -18.58 -24.24
N GLU A 95 27.68 -18.74 -22.93
CA GLU A 95 26.35 -18.98 -22.39
C GLU A 95 25.47 -17.76 -22.54
N LEU A 96 26.04 -16.56 -22.41
CA LEU A 96 25.26 -15.35 -22.60
C LEU A 96 24.72 -15.22 -24.03
N GLU A 97 25.20 -16.05 -24.97
CA GLU A 97 24.59 -16.10 -26.30
C GLU A 97 23.15 -16.57 -26.27
N ASP A 98 22.67 -17.17 -25.17
CA ASP A 98 21.31 -17.69 -25.10
C ASP A 98 20.33 -16.71 -24.46
N VAL A 99 20.73 -15.46 -24.26
CA VAL A 99 19.94 -14.57 -23.42
C VAL A 99 18.57 -14.32 -24.03
N ASN A 100 18.44 -14.44 -25.34
CA ASN A 100 17.14 -14.30 -25.99
C ASN A 100 16.35 -15.59 -25.96
N LYS A 101 16.86 -16.65 -25.35
CA LYS A 101 16.23 -17.95 -25.42
C LYS A 101 15.57 -18.30 -24.10
N TRP A 102 14.33 -18.75 -24.18
CA TRP A 102 13.67 -19.38 -23.05
C TRP A 102 14.48 -20.57 -22.58
N GLY A 103 14.76 -20.64 -21.29
CA GLY A 103 15.50 -21.77 -20.81
C GLY A 103 16.99 -21.62 -20.87
N LEU A 104 17.50 -20.41 -21.09
CA LEU A 104 18.84 -20.04 -20.66
C LEU A 104 19.20 -20.82 -19.41
N HIS A 105 20.42 -21.39 -19.36
CA HIS A 105 20.92 -22.07 -18.16
C HIS A 105 21.33 -21.02 -17.13
N VAL A 106 20.34 -20.48 -16.43
CA VAL A 106 20.63 -19.39 -15.51
C VAL A 106 21.55 -19.85 -14.37
N PHE A 107 21.50 -21.15 -14.02
CA PHE A 107 22.36 -21.65 -12.95
C PHE A 107 23.81 -21.77 -13.38
N ARG A 108 24.06 -22.19 -14.62
CA ARG A 108 25.43 -22.23 -15.12
C ARG A 108 26.02 -20.83 -15.12
N ILE A 109 25.24 -19.86 -15.61
CA ILE A 109 25.68 -18.48 -15.65
C ILE A 109 26.01 -17.97 -14.26
N ALA A 110 25.28 -18.41 -13.24
CA ALA A 110 25.60 -18.02 -11.87
C ALA A 110 26.96 -18.57 -11.45
N GLU A 111 27.21 -19.84 -11.75
CA GLU A 111 28.53 -20.43 -11.56
C GLU A 111 29.59 -19.67 -12.35
N LEU A 112 29.41 -19.60 -13.67
CA LEU A 112 30.43 -19.08 -14.57
C LEU A 112 30.74 -17.61 -14.34
N SER A 113 29.80 -16.85 -13.77
CA SER A 113 30.03 -15.44 -13.46
C SER A 113 30.44 -15.21 -12.01
N GLY A 114 30.65 -16.26 -11.24
CA GLY A 114 31.04 -16.05 -9.86
C GLY A 114 29.95 -15.43 -9.01
N ASN A 115 28.84 -16.16 -8.89
CA ASN A 115 27.61 -15.70 -8.22
C ASN A 115 27.25 -14.25 -8.51
N ARG A 116 27.39 -13.83 -9.76
CA ARG A 116 26.82 -12.56 -10.22
C ARG A 116 25.89 -12.76 -11.42
N PRO A 117 24.95 -13.71 -11.37
CA PRO A 117 24.04 -13.86 -12.52
C PRO A 117 23.24 -12.62 -12.82
N LEU A 118 22.72 -11.95 -11.78
CA LEU A 118 21.86 -10.79 -12.00
C LEU A 118 22.65 -9.66 -12.68
N THR A 119 23.88 -9.42 -12.24
CA THR A 119 24.68 -8.36 -12.83
C THR A 119 24.99 -8.62 -14.31
N VAL A 120 25.37 -9.86 -14.66
CA VAL A 120 25.81 -10.05 -16.06
C VAL A 120 24.64 -10.23 -17.00
N ILE A 121 23.53 -10.80 -16.52
CA ILE A 121 22.39 -10.94 -17.41
C ILE A 121 21.76 -9.58 -17.66
N MET A 122 21.66 -8.75 -16.63
CA MET A 122 21.19 -7.38 -16.82
C MET A 122 22.11 -6.61 -17.77
N HIS A 123 23.41 -6.64 -17.50
CA HIS A 123 24.38 -5.99 -18.39
C HIS A 123 24.16 -6.44 -19.83
N THR A 124 24.14 -7.76 -20.05
CA THR A 124 23.93 -8.31 -21.39
C THR A 124 22.66 -7.79 -22.02
N ILE A 125 21.57 -7.82 -21.26
CA ILE A 125 20.29 -7.38 -21.79
C ILE A 125 20.33 -5.88 -22.10
N PHE A 126 20.92 -5.07 -21.21
CA PHE A 126 20.99 -3.64 -21.51
C PHE A 126 21.77 -3.36 -22.79
N GLN A 127 22.88 -4.07 -23.02
CA GLN A 127 23.60 -3.91 -24.28
C GLN A 127 22.75 -4.43 -25.45
N GLU A 128 22.10 -5.57 -25.26
CA GLU A 128 21.33 -6.17 -26.34
C GLU A 128 20.19 -5.26 -26.79
N ARG A 129 19.54 -4.56 -25.85
CA ARG A 129 18.45 -3.64 -26.19
C ARG A 129 18.94 -2.21 -26.40
N ASP A 130 20.25 -2.01 -26.45
CA ASP A 130 20.85 -0.71 -26.63
C ASP A 130 20.29 0.33 -25.66
N LEU A 131 20.13 -0.09 -24.39
CA LEU A 131 19.54 0.78 -23.37
C LEU A 131 20.57 1.74 -22.76
N LEU A 132 21.84 1.31 -22.65
CA LEU A 132 22.87 2.24 -22.18
C LEU A 132 22.90 3.51 -23.02
N LYS A 133 22.87 3.39 -24.35
CA LYS A 133 22.92 4.58 -25.19
C LYS A 133 21.57 5.29 -25.24
N THR A 134 20.45 4.56 -25.19
CA THR A 134 19.15 5.22 -25.25
C THR A 134 18.95 6.14 -24.05
N PHE A 135 19.35 5.69 -22.85
CA PHE A 135 19.12 6.44 -21.63
C PHE A 135 20.40 7.01 -21.03
N LYS A 136 21.48 7.06 -21.82
CA LYS A 136 22.74 7.69 -21.40
C LYS A 136 23.19 7.16 -20.04
N ILE A 137 22.98 5.88 -19.82
CA ILE A 137 23.41 5.19 -18.60
C ILE A 137 24.91 4.95 -18.71
N PRO A 138 25.74 5.56 -17.85
CA PRO A 138 27.17 5.24 -17.90
C PRO A 138 27.38 3.78 -17.53
N VAL A 139 28.25 3.09 -18.28
CA VAL A 139 28.44 1.65 -18.08
C VAL A 139 28.92 1.36 -16.66
N ASP A 140 29.81 2.20 -16.12
CA ASP A 140 30.31 1.92 -14.77
C ASP A 140 29.22 2.10 -13.73
N THR A 141 28.38 3.12 -13.89
CA THR A 141 27.22 3.31 -13.02
C THR A 141 26.30 2.11 -13.07
N LEU A 142 26.05 1.58 -14.27
CA LEU A 142 25.18 0.41 -14.41
C LEU A 142 25.75 -0.77 -13.65
N ILE A 143 27.05 -1.02 -13.79
CA ILE A 143 27.64 -2.17 -13.12
C ILE A 143 27.66 -1.94 -11.61
N THR A 144 28.03 -0.73 -11.18
CA THR A 144 28.03 -0.45 -9.75
C THR A 144 26.66 -0.71 -9.15
N TYR A 145 25.61 -0.20 -9.80
CA TYR A 145 24.28 -0.39 -9.24
C TYR A 145 23.90 -1.86 -9.22
N LEU A 146 24.13 -2.55 -10.35
CA LEU A 146 23.73 -3.94 -10.47
C LEU A 146 24.40 -4.79 -9.38
N MET A 147 25.66 -4.51 -9.08
CA MET A 147 26.35 -5.32 -8.06
C MET A 147 25.82 -5.02 -6.66
N THR A 148 25.53 -3.76 -6.37
CA THR A 148 24.92 -3.44 -5.08
C THR A 148 23.53 -4.06 -4.97
N LEU A 149 22.76 -4.03 -6.05
CA LEU A 149 21.44 -4.65 -6.02
C LEU A 149 21.58 -6.15 -5.78
N GLU A 150 22.47 -6.81 -6.55
CA GLU A 150 22.70 -8.23 -6.36
C GLU A 150 23.10 -8.54 -4.93
N ASP A 151 23.94 -7.68 -4.32
CA ASP A 151 24.38 -7.93 -2.95
C ASP A 151 23.22 -7.97 -1.98
N HIS A 152 22.16 -7.19 -2.23
CA HIS A 152 21.05 -7.11 -1.28
C HIS A 152 19.99 -8.21 -1.48
N TYR A 153 20.16 -9.08 -2.49
CA TYR A 153 19.56 -10.40 -2.41
C TYR A 153 20.38 -11.26 -1.46
N HIS A 154 19.68 -12.12 -0.72
CA HIS A 154 20.26 -12.93 0.34
C HIS A 154 20.84 -14.20 -0.26
N ALA A 155 22.16 -14.38 -0.10
CA ALA A 155 22.81 -15.57 -0.64
C ALA A 155 22.46 -16.83 0.15
N ASP A 156 21.94 -16.68 1.36
CA ASP A 156 21.53 -17.81 2.18
C ASP A 156 20.06 -18.15 2.05
N VAL A 157 19.36 -17.60 1.06
CA VAL A 157 17.97 -17.94 0.85
C VAL A 157 17.94 -18.83 -0.40
N ALA A 158 17.23 -19.95 -0.28
CA ALA A 158 17.33 -21.02 -1.28
C ALA A 158 16.62 -20.65 -2.59
N TYR A 159 15.46 -20.02 -2.53
CA TYR A 159 14.75 -19.69 -3.76
C TYR A 159 14.83 -18.21 -4.09
N HIS A 160 14.32 -17.33 -3.22
CA HIS A 160 14.21 -15.90 -3.51
C HIS A 160 15.56 -15.18 -3.35
N ASN A 161 16.49 -15.58 -4.20
CA ASN A 161 17.82 -14.99 -4.22
C ASN A 161 18.10 -14.31 -5.58
N ASN A 162 19.38 -14.00 -5.79
CA ASN A 162 19.81 -13.29 -6.99
C ASN A 162 19.66 -14.16 -8.24
N ILE A 163 19.76 -15.49 -8.11
CA ILE A 163 19.51 -16.35 -9.26
C ILE A 163 18.07 -16.20 -9.72
N HIS A 164 17.13 -16.25 -8.76
CA HIS A 164 15.72 -16.02 -9.10
C HIS A 164 15.54 -14.68 -9.82
N ALA A 165 16.14 -13.62 -9.29
CA ALA A 165 16.01 -12.30 -9.90
C ALA A 165 16.56 -12.30 -11.32
N ALA A 166 17.73 -12.89 -11.50
CA ALA A 166 18.33 -12.98 -12.83
C ALA A 166 17.37 -13.68 -13.79
N ASP A 167 16.73 -14.75 -13.30
CA ASP A 167 15.86 -15.55 -14.14
C ASP A 167 14.57 -14.81 -14.48
N VAL A 168 14.06 -14.00 -13.56
CA VAL A 168 12.85 -13.22 -13.85
C VAL A 168 13.15 -12.08 -14.82
N VAL A 169 14.31 -11.42 -14.64
CA VAL A 169 14.79 -10.44 -15.63
C VAL A 169 14.91 -11.06 -17.01
N GLN A 170 15.52 -12.24 -17.08
CA GLN A 170 15.80 -12.80 -18.39
C GLN A 170 14.52 -13.32 -19.04
N SER A 171 13.64 -13.94 -18.24
CA SER A 171 12.35 -14.36 -18.77
C SER A 171 11.51 -13.17 -19.24
N THR A 172 11.47 -12.09 -18.45
CA THR A 172 10.77 -10.89 -18.89
C THR A 172 11.32 -10.39 -20.23
N HIS A 173 12.64 -10.47 -20.39
CA HIS A 173 13.28 -10.02 -21.61
C HIS A 173 12.84 -10.84 -22.81
N VAL A 174 12.71 -12.15 -22.63
CA VAL A 174 12.18 -12.99 -23.70
C VAL A 174 10.73 -12.63 -23.98
N LEU A 175 9.93 -12.40 -22.94
CA LEU A 175 8.53 -12.12 -23.18
C LEU A 175 8.35 -10.74 -23.80
N LEU A 176 9.27 -9.82 -23.55
CA LEU A 176 9.15 -8.51 -24.18
C LEU A 176 9.34 -8.61 -25.68
N SER A 177 10.11 -9.58 -26.13
CA SER A 177 10.45 -9.74 -27.53
C SER A 177 9.40 -10.51 -28.31
N THR A 178 8.33 -10.94 -27.66
CA THR A 178 7.38 -11.81 -28.32
C THR A 178 6.76 -11.07 -29.52
N PRO A 179 6.48 -11.79 -30.62
CA PRO A 179 6.05 -11.08 -31.84
C PRO A 179 4.76 -10.30 -31.70
N ALA A 180 3.75 -10.85 -31.01
CA ALA A 180 2.50 -10.13 -30.81
C ALA A 180 2.69 -8.82 -30.05
N LEU A 181 3.88 -8.54 -29.52
CA LEU A 181 4.11 -7.29 -28.81
C LEU A 181 5.04 -6.34 -29.56
N GLU A 182 5.42 -6.68 -30.79
CA GLU A 182 6.45 -5.93 -31.51
C GLU A 182 6.11 -4.45 -31.60
N ALA A 183 7.10 -3.64 -31.23
CA ALA A 183 7.02 -2.18 -31.26
C ALA A 183 5.86 -1.62 -30.44
N VAL A 184 5.25 -2.42 -29.56
CA VAL A 184 4.12 -1.92 -28.75
C VAL A 184 4.62 -1.01 -27.65
N PHE A 185 5.66 -1.43 -26.94
CA PHE A 185 6.08 -0.73 -25.74
C PHE A 185 7.24 0.21 -26.07
N THR A 186 7.22 1.39 -25.47
CA THR A 186 8.33 2.32 -25.59
C THR A 186 9.57 1.73 -24.93
N ASP A 187 10.70 2.42 -25.13
CA ASP A 187 11.94 2.06 -24.44
C ASP A 187 11.86 2.36 -22.96
N LEU A 188 11.05 3.34 -22.56
CA LEU A 188 10.90 3.58 -21.13
C LEU A 188 10.16 2.43 -20.48
N GLU A 189 9.11 1.91 -21.13
CA GLU A 189 8.34 0.81 -20.58
C GLU A 189 9.16 -0.48 -20.57
N ILE A 190 9.94 -0.71 -21.63
CA ILE A 190 10.85 -1.85 -21.64
C ILE A 190 11.81 -1.74 -20.46
N LEU A 191 12.34 -0.54 -20.20
CA LEU A 191 13.27 -0.38 -19.09
C LEU A 191 12.55 -0.54 -17.75
N ALA A 192 11.34 0.01 -17.63
CA ALA A 192 10.55 -0.16 -16.41
C ALA A 192 10.36 -1.64 -16.09
N ALA A 193 10.01 -2.44 -17.10
CA ALA A 193 9.74 -3.85 -16.88
C ALA A 193 11.01 -4.57 -16.44
N ILE A 194 12.08 -4.40 -17.20
CA ILE A 194 13.34 -5.06 -16.87
C ILE A 194 13.84 -4.62 -15.49
N PHE A 195 13.81 -3.32 -15.22
CA PHE A 195 14.20 -2.85 -13.89
C PHE A 195 13.32 -3.45 -12.80
N ALA A 196 12.00 -3.39 -12.97
CA ALA A 196 11.08 -4.01 -12.02
C ALA A 196 11.44 -5.47 -11.76
N SER A 197 11.67 -6.25 -12.81
CA SER A 197 12.07 -7.65 -12.65
C SER A 197 13.31 -7.78 -11.78
N ALA A 198 14.33 -6.96 -12.07
CA ALA A 198 15.60 -7.06 -11.36
C ALA A 198 15.44 -6.84 -9.86
N ILE A 199 14.67 -5.83 -9.46
CA ILE A 199 14.52 -5.50 -8.05
C ILE A 199 13.38 -6.27 -7.37
N HIS A 200 12.62 -7.09 -8.11
CA HIS A 200 11.27 -7.37 -7.65
C HIS A 200 11.22 -8.20 -6.37
N ASP A 201 12.32 -8.87 -6.01
CA ASP A 201 12.35 -9.65 -4.78
C ASP A 201 13.54 -9.28 -3.91
N VAL A 202 14.17 -8.13 -4.15
CA VAL A 202 15.42 -7.82 -3.47
C VAL A 202 15.19 -7.75 -1.96
N ASP A 203 16.19 -8.25 -1.21
CA ASP A 203 16.16 -8.33 0.24
C ASP A 203 15.02 -9.20 0.73
N HIS A 204 14.68 -10.21 -0.04
CA HIS A 204 13.67 -11.18 0.40
C HIS A 204 14.27 -11.99 1.54
N PRO A 205 13.61 -12.09 2.69
CA PRO A 205 14.16 -12.87 3.81
C PRO A 205 13.85 -14.35 3.76
N GLY A 206 13.22 -14.83 2.70
CA GLY A 206 12.95 -16.24 2.57
C GLY A 206 11.74 -16.75 3.33
N VAL A 207 10.84 -15.86 3.74
CA VAL A 207 9.56 -16.24 4.34
C VAL A 207 8.47 -15.40 3.70
N SER A 208 7.25 -15.93 3.73
CA SER A 208 6.09 -15.32 3.09
C SER A 208 5.59 -14.06 3.81
N ASN A 209 4.80 -13.27 3.07
CA ASN A 209 4.07 -12.16 3.69
C ASN A 209 3.31 -12.63 4.92
N GLN A 210 2.59 -13.75 4.79
CA GLN A 210 1.71 -14.18 5.87
C GLN A 210 2.53 -14.48 7.13
N PHE A 211 3.67 -15.16 6.98
CA PHE A 211 4.56 -15.40 8.12
C PHE A 211 4.97 -14.09 8.77
N LEU A 212 5.23 -13.06 7.97
CA LEU A 212 5.71 -11.80 8.52
C LEU A 212 4.57 -11.05 9.19
N ILE A 213 3.36 -11.17 8.65
CA ILE A 213 2.17 -10.67 9.35
C ILE A 213 1.96 -11.44 10.65
N ASN A 214 2.15 -12.77 10.60
CA ASN A 214 1.79 -13.62 11.72
C ASN A 214 2.80 -13.57 12.86
N THR A 215 4.04 -13.19 12.58
CA THR A 215 5.05 -13.06 13.62
C THR A 215 5.26 -11.60 14.03
N ASN A 216 4.34 -10.71 13.66
CA ASN A 216 4.42 -9.29 14.00
C ASN A 216 5.78 -8.70 13.66
N SER A 217 6.34 -9.11 12.53
CA SER A 217 7.62 -8.59 12.08
C SER A 217 7.57 -7.06 11.94
N GLU A 218 8.76 -6.47 12.01
CA GLU A 218 8.92 -5.05 11.72
C GLU A 218 8.45 -4.71 10.30
N LEU A 219 8.72 -5.58 9.32
CA LEU A 219 8.29 -5.33 7.95
C LEU A 219 6.76 -5.21 7.87
N ALA A 220 6.04 -6.15 8.48
CA ALA A 220 4.59 -6.08 8.45
C ALA A 220 4.08 -4.88 9.23
N LEU A 221 4.78 -4.51 10.28
CA LEU A 221 4.41 -3.32 11.05
C LEU A 221 4.63 -2.07 10.20
N MET A 222 5.78 -2.00 9.52
CA MET A 222 6.08 -0.89 8.63
C MET A 222 4.98 -0.73 7.59
N TYR A 223 4.54 -1.84 7.00
CA TYR A 223 3.69 -1.81 5.81
C TYR A 223 2.23 -2.19 6.09
N ASN A 224 1.83 -2.26 7.36
CA ASN A 224 0.41 -2.40 7.69
C ASN A 224 -0.21 -3.64 7.01
N ASP A 225 0.55 -4.72 6.94
CA ASP A 225 0.13 -6.04 6.49
C ASP A 225 -0.23 -6.14 4.99
N SER A 226 -0.01 -5.11 4.18
CA SER A 226 -0.44 -5.12 2.77
C SER A 226 0.77 -5.11 1.84
N SER A 227 0.90 -6.17 1.04
CA SER A 227 2.03 -6.31 0.11
C SER A 227 3.36 -6.00 0.81
N VAL A 228 3.56 -6.68 1.95
CA VAL A 228 4.63 -6.32 2.87
C VAL A 228 5.99 -6.44 2.18
N LEU A 229 6.25 -7.60 1.57
CA LEU A 229 7.52 -7.81 0.88
C LEU A 229 7.64 -6.92 -0.34
N GLU A 230 6.59 -6.88 -1.14
CA GLU A 230 6.67 -6.18 -2.41
C GLU A 230 6.92 -4.69 -2.21
N ASN A 231 6.26 -4.07 -1.23
CA ASN A 231 6.61 -2.70 -0.88
C ASN A 231 8.07 -2.59 -0.51
N HIS A 232 8.57 -3.54 0.31
CA HIS A 232 9.96 -3.49 0.75
C HIS A 232 10.93 -3.71 -0.42
N HIS A 233 10.67 -4.69 -1.28
CA HIS A 233 11.54 -4.82 -2.47
C HIS A 233 11.59 -3.50 -3.23
N LEU A 234 10.46 -2.81 -3.38
CA LEU A 234 10.47 -1.53 -4.08
C LEU A 234 11.30 -0.51 -3.31
N ALA A 235 11.06 -0.40 -2.02
CA ALA A 235 11.76 0.59 -1.21
C ALA A 235 13.27 0.43 -1.31
N VAL A 236 13.75 -0.81 -1.36
CA VAL A 236 15.19 -1.08 -1.41
C VAL A 236 15.71 -0.87 -2.82
N GLY A 237 15.00 -1.41 -3.82
CA GLY A 237 15.41 -1.23 -5.21
C GLY A 237 15.69 0.22 -5.59
N PHE A 238 14.79 1.14 -5.19
CA PHE A 238 14.93 2.56 -5.51
C PHE A 238 16.00 3.23 -4.64
N LYS A 239 16.04 2.88 -3.35
CA LYS A 239 16.98 3.48 -2.41
C LYS A 239 18.43 3.25 -2.82
N LEU A 240 18.74 2.07 -3.35
CA LEU A 240 20.10 1.77 -3.74
C LEU A 240 20.56 2.62 -4.91
N LEU A 241 19.62 3.18 -5.68
CA LEU A 241 19.97 4.13 -6.74
C LEU A 241 20.71 5.34 -6.19
N GLN A 242 20.52 5.64 -4.91
CA GLN A 242 21.12 6.81 -4.28
C GLN A 242 22.52 6.56 -3.73
N GLU A 243 23.01 5.33 -3.78
CA GLU A 243 24.36 5.02 -3.36
C GLU A 243 25.35 5.55 -4.38
N GLU A 244 26.65 5.48 -4.04
CA GLU A 244 27.66 6.21 -4.80
C GLU A 244 27.79 5.64 -6.21
N ASN A 245 27.60 6.52 -7.20
CA ASN A 245 27.62 6.15 -8.61
C ASN A 245 26.68 4.99 -8.90
N CYS A 246 25.51 5.00 -8.27
CA CYS A 246 24.54 3.95 -8.50
C CYS A 246 23.30 4.42 -9.26
N ASP A 247 23.16 5.71 -9.55
CA ASP A 247 21.92 6.17 -10.14
C ASP A 247 22.04 6.01 -11.65
N ILE A 248 21.57 4.85 -12.10
CA ILE A 248 21.49 4.52 -13.52
C ILE A 248 20.41 5.29 -14.26
N PHE A 249 19.54 6.02 -13.55
CA PHE A 249 18.55 6.90 -14.17
C PHE A 249 18.94 8.38 -14.08
N GLN A 250 20.22 8.70 -13.87
CA GLN A 250 20.63 10.09 -13.64
C GLN A 250 20.40 10.99 -14.85
N ASN A 251 20.34 10.44 -16.06
CA ASN A 251 20.17 11.22 -17.26
C ASN A 251 18.79 11.12 -17.86
N LEU A 252 17.85 10.43 -17.23
CA LEU A 252 16.49 10.52 -17.71
C LEU A 252 15.95 11.91 -17.40
N THR A 253 14.99 12.35 -18.20
CA THR A 253 14.30 13.59 -17.85
C THR A 253 13.49 13.40 -16.58
N LYS A 254 13.08 14.52 -15.98
CA LYS A 254 12.24 14.46 -14.79
C LYS A 254 10.92 13.76 -15.09
N LYS A 255 10.32 14.05 -16.23
CA LYS A 255 9.09 13.36 -16.58
C LYS A 255 9.34 11.86 -16.83
N GLN A 256 10.50 11.51 -17.41
CA GLN A 256 10.86 10.11 -17.66
C GLN A 256 10.98 9.34 -16.35
N ARG A 257 11.78 9.88 -15.42
CA ARG A 257 11.90 9.30 -14.09
C ARG A 257 10.54 9.14 -13.42
N GLN A 258 9.68 10.16 -13.51
CA GLN A 258 8.38 10.08 -12.86
C GLN A 258 7.58 8.90 -13.42
N SER A 259 7.46 8.85 -14.75
CA SER A 259 6.70 7.78 -15.39
C SER A 259 7.30 6.42 -15.09
N LEU A 260 8.63 6.33 -15.08
CA LEU A 260 9.32 5.08 -14.82
C LEU A 260 9.00 4.58 -13.42
N ARG A 261 9.18 5.46 -12.44
CA ARG A 261 8.97 5.11 -11.04
C ARG A 261 7.56 4.55 -10.84
N LYS A 262 6.54 5.23 -11.36
CA LYS A 262 5.17 4.74 -11.21
C LYS A 262 4.98 3.39 -11.88
N MET A 263 5.51 3.22 -13.09
CA MET A 263 5.38 1.94 -13.78
C MET A 263 6.04 0.81 -12.99
N VAL A 264 7.24 1.07 -12.43
CA VAL A 264 7.96 0.07 -11.66
C VAL A 264 7.16 -0.34 -10.42
N ILE A 265 6.68 0.66 -9.67
CA ILE A 265 5.84 0.38 -8.51
C ILE A 265 4.62 -0.43 -8.92
N ASP A 266 3.95 -0.01 -10.00
CA ASP A 266 2.74 -0.70 -10.40
C ASP A 266 3.03 -2.15 -10.76
N ILE A 267 4.19 -2.40 -11.37
CA ILE A 267 4.56 -3.76 -11.75
C ILE A 267 4.94 -4.59 -10.51
N VAL A 268 5.86 -4.08 -9.68
CA VAL A 268 6.32 -4.88 -8.54
C VAL A 268 5.16 -5.20 -7.60
N LEU A 269 4.34 -4.21 -7.28
CA LEU A 269 3.20 -4.44 -6.38
C LEU A 269 2.29 -5.55 -6.87
N ALA A 270 2.26 -5.78 -8.19
CA ALA A 270 1.46 -6.84 -8.83
C ALA A 270 2.09 -8.22 -8.75
N THR A 271 3.32 -8.35 -8.24
CA THR A 271 3.88 -9.68 -8.02
C THR A 271 3.44 -10.29 -6.69
N ASP A 272 2.71 -9.52 -5.88
CA ASP A 272 2.09 -10.05 -4.68
C ASP A 272 1.15 -11.18 -5.06
N MET A 273 1.39 -12.38 -4.54
CA MET A 273 0.55 -13.52 -4.90
C MET A 273 -0.88 -13.35 -4.44
N SER A 274 -1.14 -12.57 -3.39
CA SER A 274 -2.51 -12.37 -2.99
C SER A 274 -3.31 -11.59 -4.03
N LYS A 275 -2.67 -11.09 -5.08
CA LYS A 275 -3.36 -10.43 -6.17
C LYS A 275 -3.40 -11.29 -7.43
N HIS A 276 -3.00 -12.55 -7.34
CA HIS A 276 -2.97 -13.38 -8.55
C HIS A 276 -4.35 -13.51 -9.17
N MET A 277 -5.34 -13.94 -8.39
CA MET A 277 -6.64 -14.22 -8.97
C MET A 277 -7.21 -12.99 -9.66
N ASN A 278 -7.05 -11.81 -9.07
CA ASN A 278 -7.58 -10.59 -9.68
C ASN A 278 -6.82 -10.25 -10.95
N LEU A 279 -5.50 -10.34 -10.89
CA LEU A 279 -4.70 -10.03 -12.06
C LEU A 279 -5.01 -11.01 -13.19
N LEU A 280 -5.17 -12.30 -12.87
CA LEU A 280 -5.58 -13.25 -13.88
C LEU A 280 -6.98 -12.91 -14.40
N ALA A 281 -7.92 -12.59 -13.49
CA ALA A 281 -9.27 -12.24 -13.90
C ALA A 281 -9.25 -11.09 -14.90
N ASP A 282 -8.48 -10.05 -14.60
CA ASP A 282 -8.43 -8.92 -15.52
C ASP A 282 -7.73 -9.29 -16.82
N LEU A 283 -6.77 -10.20 -16.76
CA LEU A 283 -6.08 -10.63 -17.97
C LEU A 283 -7.02 -11.41 -18.88
N LYS A 284 -7.78 -12.35 -18.32
CA LYS A 284 -8.84 -13.02 -19.08
C LYS A 284 -9.78 -12.02 -19.75
N THR A 285 -10.21 -11.01 -19.00
CA THR A 285 -11.09 -9.99 -19.59
C THR A 285 -10.41 -9.31 -20.79
N MET A 286 -9.12 -9.02 -20.66
CA MET A 286 -8.40 -8.44 -21.79
C MET A 286 -8.39 -9.38 -22.99
N VAL A 287 -8.21 -10.68 -22.75
CA VAL A 287 -8.16 -11.64 -23.85
C VAL A 287 -9.52 -11.72 -24.53
N GLU A 288 -10.59 -11.68 -23.75
CA GLU A 288 -11.95 -11.72 -24.27
C GLU A 288 -12.25 -10.53 -25.17
N THR A 289 -11.62 -9.39 -24.92
CA THR A 289 -11.90 -8.13 -25.61
C THR A 289 -10.70 -7.65 -26.42
N LYS A 290 -9.79 -8.57 -26.72
CA LYS A 290 -8.52 -8.28 -27.36
C LYS A 290 -8.71 -7.53 -28.68
N LYS A 291 -7.79 -6.62 -28.96
CA LYS A 291 -7.79 -5.87 -30.22
C LYS A 291 -6.39 -5.83 -30.78
N VAL A 292 -6.28 -6.07 -32.08
CA VAL A 292 -4.99 -6.05 -32.78
C VAL A 292 -4.94 -4.81 -33.67
N THR A 293 -3.74 -4.56 -34.20
CA THR A 293 -3.53 -3.46 -35.13
C THR A 293 -3.58 -4.00 -36.57
N SER A 294 -3.31 -3.10 -37.52
CA SER A 294 -3.14 -3.51 -38.91
C SER A 294 -1.92 -4.43 -39.04
N SER A 295 -0.88 -4.20 -38.24
CA SER A 295 0.25 -5.14 -38.22
C SER A 295 -0.08 -6.44 -37.52
N GLY A 296 -1.28 -6.58 -36.94
CA GLY A 296 -1.62 -7.78 -36.21
C GLY A 296 -1.05 -7.84 -34.81
N VAL A 297 -0.44 -6.77 -34.38
CA VAL A 297 0.18 -6.63 -33.07
C VAL A 297 -0.84 -6.08 -32.08
N LEU A 298 -0.65 -6.38 -30.80
CA LEU A 298 -1.61 -6.04 -29.76
C LEU A 298 -1.80 -4.54 -29.64
N LEU A 299 -3.04 -4.11 -29.43
CA LEU A 299 -3.40 -2.70 -29.42
C LEU A 299 -3.66 -2.25 -27.99
N LEU A 300 -2.85 -1.32 -27.50
CA LEU A 300 -2.92 -0.92 -26.09
C LEU A 300 -3.00 0.60 -26.01
N ASP A 301 -4.23 1.09 -25.82
CA ASP A 301 -4.63 2.49 -26.00
C ASP A 301 -4.13 3.40 -24.90
N ASN A 302 -3.79 2.86 -23.75
CA ASN A 302 -3.85 3.65 -22.53
C ASN A 302 -3.03 2.99 -21.44
N TYR A 303 -2.68 3.79 -20.43
CA TYR A 303 -1.86 3.31 -19.34
C TYR A 303 -2.45 2.05 -18.72
N SER A 304 -3.75 2.09 -18.42
CA SER A 304 -4.39 0.96 -17.74
C SER A 304 -4.11 -0.35 -18.46
N ASP A 305 -4.26 -0.39 -19.78
CA ASP A 305 -4.07 -1.64 -20.52
C ASP A 305 -2.60 -1.98 -20.69
N ARG A 306 -1.77 -0.96 -20.87
CA ARG A 306 -0.34 -1.20 -21.06
C ARG A 306 0.31 -1.70 -19.77
N ILE A 307 0.02 -1.06 -18.64
CA ILE A 307 0.64 -1.52 -17.39
C ILE A 307 0.07 -2.88 -17.00
N GLN A 308 -1.16 -3.15 -17.40
CA GLN A 308 -1.77 -4.43 -17.07
C GLN A 308 -1.02 -5.55 -17.77
N VAL A 309 -0.56 -5.29 -18.99
CA VAL A 309 0.17 -6.30 -19.76
C VAL A 309 1.58 -6.48 -19.19
N LEU A 310 2.24 -5.39 -18.82
CA LEU A 310 3.54 -5.51 -18.16
C LEU A 310 3.41 -6.16 -16.78
N GLN A 311 2.36 -5.83 -16.02
CA GLN A 311 2.16 -6.49 -14.73
C GLN A 311 2.06 -7.99 -14.91
N ASN A 312 1.20 -8.42 -15.82
CA ASN A 312 1.00 -9.83 -16.05
C ASN A 312 2.23 -10.48 -16.65
N MET A 313 3.00 -9.72 -17.43
CA MET A 313 4.21 -10.25 -18.04
C MET A 313 5.23 -10.63 -16.96
N VAL A 314 5.54 -9.69 -16.06
CA VAL A 314 6.51 -9.96 -15.01
C VAL A 314 5.95 -10.97 -14.01
N HIS A 315 4.63 -10.98 -13.80
CA HIS A 315 4.00 -12.02 -13.01
C HIS A 315 4.19 -13.40 -13.63
N CYS A 316 4.00 -13.51 -14.95
CA CYS A 316 4.26 -14.76 -15.66
C CYS A 316 5.71 -15.18 -15.54
N ALA A 317 6.61 -14.21 -15.67
CA ALA A 317 8.04 -14.49 -15.54
C ALA A 317 8.35 -14.96 -14.13
N ASP A 318 7.66 -14.38 -13.14
CA ASP A 318 7.83 -14.81 -11.77
C ASP A 318 7.35 -16.25 -11.60
N LEU A 319 6.30 -16.63 -12.32
CA LEU A 319 5.70 -17.96 -12.25
C LEU A 319 6.10 -18.81 -13.45
N SER A 320 7.34 -18.71 -13.92
CA SER A 320 7.68 -19.43 -15.15
C SER A 320 8.52 -20.67 -14.91
N ASN A 321 8.90 -20.96 -13.67
CA ASN A 321 9.73 -22.14 -13.40
C ASN A 321 9.15 -23.41 -14.00
N PRO A 322 7.85 -23.72 -13.87
CA PRO A 322 7.33 -24.95 -14.45
C PRO A 322 7.16 -24.90 -15.97
N THR A 323 7.45 -23.78 -16.63
CA THR A 323 7.47 -23.76 -18.09
C THR A 323 8.86 -23.97 -18.65
N LYS A 324 9.84 -24.17 -17.80
CA LYS A 324 11.22 -24.26 -18.26
C LYS A 324 11.60 -25.71 -18.50
N PRO A 325 12.67 -25.96 -19.29
CA PRO A 325 13.23 -27.31 -19.37
C PRO A 325 13.30 -28.00 -18.01
N LEU A 326 12.98 -29.30 -17.97
CA LEU A 326 12.74 -29.94 -16.69
C LEU A 326 13.96 -29.89 -15.78
N GLN A 327 15.17 -29.87 -16.35
CA GLN A 327 16.34 -29.82 -15.49
C GLN A 327 16.39 -28.51 -14.72
N LEU A 328 15.91 -27.42 -15.31
CA LEU A 328 15.79 -26.13 -14.62
C LEU A 328 14.61 -26.14 -13.66
N TYR A 329 13.44 -26.53 -14.16
CA TYR A 329 12.24 -26.63 -13.33
C TYR A 329 12.54 -27.40 -12.04
N ARG A 330 13.16 -28.58 -12.16
CA ARG A 330 13.34 -29.41 -10.97
C ARG A 330 14.16 -28.69 -9.91
N GLN A 331 15.22 -28.01 -10.35
CA GLN A 331 16.11 -27.34 -9.43
C GLN A 331 15.41 -26.13 -8.78
N TRP A 332 14.50 -25.47 -9.51
CA TRP A 332 13.69 -24.43 -8.90
C TRP A 332 12.76 -25.01 -7.84
N THR A 333 12.28 -26.23 -8.06
CA THR A 333 11.40 -26.84 -7.07
C THR A 333 12.18 -27.24 -5.83
N ASP A 334 13.36 -27.83 -6.02
CA ASP A 334 14.21 -28.15 -4.89
C ASP A 334 14.43 -26.93 -4.04
N ARG A 335 14.63 -25.78 -4.69
CA ARG A 335 14.90 -24.55 -3.97
C ARG A 335 13.66 -24.02 -3.26
N ILE A 336 12.50 -24.02 -3.92
CA ILE A 336 11.34 -23.48 -3.21
C ILE A 336 10.95 -24.41 -2.08
N MET A 337 11.12 -25.72 -2.27
CA MET A 337 10.77 -26.65 -1.20
C MET A 337 11.66 -26.43 0.01
N GLU A 338 12.96 -26.23 -0.19
CA GLU A 338 13.83 -26.01 0.95
C GLU A 338 13.47 -24.71 1.68
N GLU A 339 13.14 -23.64 0.95
CA GLU A 339 12.74 -22.39 1.60
C GLU A 339 11.45 -22.56 2.42
N PHE A 340 10.42 -23.19 1.84
CA PHE A 340 9.19 -23.44 2.58
C PHE A 340 9.43 -24.30 3.81
N PHE A 341 10.25 -25.35 3.65
CA PHE A 341 10.62 -26.21 4.78
C PHE A 341 11.30 -25.42 5.88
N ARG A 342 12.22 -24.52 5.53
CA ARG A 342 12.87 -23.72 6.57
C ARG A 342 11.86 -22.81 7.26
N GLN A 343 10.90 -22.27 6.51
CA GLN A 343 9.87 -21.44 7.12
C GLN A 343 9.05 -22.26 8.11
N GLY A 344 8.62 -23.45 7.71
CA GLY A 344 7.89 -24.32 8.61
C GLY A 344 8.64 -24.61 9.89
N ASP A 345 9.95 -24.86 9.79
CA ASP A 345 10.77 -25.04 10.98
C ASP A 345 10.70 -23.82 11.89
N ARG A 346 10.83 -22.62 11.33
CA ARG A 346 10.61 -21.42 12.12
C ARG A 346 9.21 -21.39 12.69
N GLU A 347 8.22 -21.82 11.91
CA GLU A 347 6.87 -21.98 12.45
C GLU A 347 6.84 -23.03 13.57
N ARG A 348 7.73 -24.03 13.53
CA ARG A 348 7.79 -25.03 14.61
C ARG A 348 8.33 -24.42 15.89
N GLU A 349 9.52 -23.84 15.84
CA GLU A 349 10.14 -23.22 17.01
C GLU A 349 9.36 -22.01 17.52
N ARG A 350 8.14 -21.82 17.03
CA ARG A 350 7.26 -20.77 17.52
C ARG A 350 5.91 -21.29 17.98
N GLY A 351 5.66 -22.59 17.87
CA GLY A 351 4.36 -23.10 18.22
C GLY A 351 3.25 -22.69 17.27
N MET A 352 3.54 -21.89 16.25
CA MET A 352 2.56 -21.64 15.20
C MET A 352 2.32 -22.92 14.42
N GLU A 353 1.16 -22.99 13.78
CA GLU A 353 0.92 -24.13 12.91
C GLU A 353 1.73 -23.99 11.63
N ILE A 354 1.99 -25.12 10.99
CA ILE A 354 2.76 -25.13 9.76
C ILE A 354 1.84 -24.72 8.62
N SER A 355 2.33 -23.81 7.78
CA SER A 355 1.62 -23.39 6.59
C SER A 355 1.58 -24.55 5.60
N PRO A 356 0.68 -24.50 4.62
CA PRO A 356 0.68 -25.53 3.58
C PRO A 356 2.06 -25.68 2.96
N MET A 357 2.42 -26.91 2.63
CA MET A 357 3.61 -27.26 1.87
C MET A 357 4.90 -26.93 2.59
N CYS A 358 4.85 -26.57 3.87
CA CYS A 358 6.05 -26.14 4.59
C CYS A 358 6.56 -27.16 5.60
N ASP A 359 5.94 -28.34 5.66
CA ASP A 359 6.23 -29.33 6.69
C ASP A 359 7.07 -30.45 6.09
N LYS A 360 8.36 -30.46 6.41
CA LYS A 360 9.26 -31.47 5.86
C LYS A 360 8.86 -32.90 6.24
N HIS A 361 8.04 -33.08 7.28
CA HIS A 361 7.61 -34.42 7.70
C HIS A 361 6.24 -34.80 7.15
N ASN A 362 5.65 -33.93 6.35
CA ASN A 362 4.34 -34.18 5.77
C ASN A 362 4.31 -33.51 4.40
N ALA A 363 5.40 -33.65 3.65
CA ALA A 363 5.52 -33.07 2.33
C ALA A 363 4.98 -34.02 1.26
N SER A 364 4.59 -33.44 0.14
CA SER A 364 4.20 -34.15 -1.06
C SER A 364 4.58 -33.22 -2.22
N VAL A 365 5.86 -33.24 -2.55
CA VAL A 365 6.40 -32.24 -3.46
C VAL A 365 5.79 -32.38 -4.83
N GLU A 366 5.69 -33.61 -5.33
CA GLU A 366 5.19 -33.83 -6.68
C GLU A 366 3.73 -33.40 -6.79
N LYS A 367 2.88 -33.85 -5.86
CA LYS A 367 1.47 -33.43 -5.90
C LYS A 367 1.31 -31.93 -5.68
N SER A 368 2.23 -31.31 -4.94
CA SER A 368 2.17 -29.87 -4.79
C SER A 368 2.49 -29.16 -6.09
N GLN A 369 3.48 -29.65 -6.84
CA GLN A 369 3.78 -29.06 -8.14
C GLN A 369 2.61 -29.23 -9.10
N VAL A 370 2.00 -30.43 -9.13
CA VAL A 370 0.86 -30.67 -10.02
C VAL A 370 -0.30 -29.74 -9.67
N GLY A 371 -0.61 -29.61 -8.38
CA GLY A 371 -1.63 -28.65 -7.98
C GLY A 371 -1.25 -27.22 -8.31
N PHE A 372 0.03 -26.88 -8.12
CA PHE A 372 0.53 -25.56 -8.45
C PHE A 372 0.36 -25.27 -9.93
N ILE A 373 0.66 -26.26 -10.77
CA ILE A 373 0.48 -26.06 -12.20
C ILE A 373 -0.99 -25.94 -12.54
N ASP A 374 -1.81 -26.83 -11.97
CA ASP A 374 -3.20 -26.96 -12.39
C ASP A 374 -4.03 -25.73 -12.02
N TYR A 375 -3.83 -25.20 -10.79
CA TYR A 375 -4.66 -24.11 -10.27
C TYR A 375 -4.06 -22.74 -10.47
N ILE A 376 -2.73 -22.62 -10.58
CA ILE A 376 -2.12 -21.29 -10.65
C ILE A 376 -1.42 -21.11 -12.00
N VAL A 377 -0.37 -21.92 -12.21
CA VAL A 377 0.59 -21.66 -13.27
C VAL A 377 -0.02 -21.88 -14.65
N HIS A 378 -0.72 -23.02 -14.85
CA HIS A 378 -1.29 -23.27 -16.18
C HIS A 378 -2.44 -22.33 -16.51
N PRO A 379 -3.40 -22.07 -15.61
CA PRO A 379 -4.41 -21.03 -15.89
C PRO A 379 -3.83 -19.68 -16.31
N LEU A 380 -2.77 -19.25 -15.62
CA LEU A 380 -2.13 -17.97 -15.96
C LEU A 380 -1.52 -18.02 -17.35
N TRP A 381 -0.69 -19.04 -17.61
CA TRP A 381 0.07 -19.06 -18.85
C TRP A 381 -0.81 -19.39 -20.06
N GLU A 382 -1.84 -20.23 -19.88
CA GLU A 382 -2.83 -20.42 -20.93
C GLU A 382 -3.47 -19.08 -21.33
N THR A 383 -3.76 -18.24 -20.34
CA THR A 383 -4.34 -16.94 -20.63
C THR A 383 -3.34 -16.04 -21.34
N TRP A 384 -2.07 -16.02 -20.84
CA TRP A 384 -1.04 -15.27 -21.55
C TRP A 384 -0.88 -15.78 -22.97
N ALA A 385 -0.97 -17.10 -23.14
CA ALA A 385 -0.77 -17.69 -24.46
C ALA A 385 -1.86 -17.26 -25.42
N ASP A 386 -3.10 -17.13 -24.94
CA ASP A 386 -4.18 -16.62 -25.78
C ASP A 386 -3.97 -15.16 -26.13
N LEU A 387 -3.46 -14.38 -25.17
CA LEU A 387 -3.18 -12.97 -25.44
C LEU A 387 -2.19 -12.80 -26.59
N VAL A 388 -1.13 -13.60 -26.60
CA VAL A 388 -0.05 -13.44 -27.57
C VAL A 388 -0.05 -14.58 -28.59
N HIS A 389 -1.17 -15.30 -28.70
CA HIS A 389 -1.28 -16.45 -29.60
C HIS A 389 -0.77 -16.14 -31.01
N PRO A 390 0.05 -17.04 -31.56
CA PRO A 390 0.48 -18.30 -30.96
C PRO A 390 1.90 -18.22 -30.40
N ASP A 391 2.35 -17.00 -30.08
CA ASP A 391 3.74 -16.76 -29.74
C ASP A 391 4.25 -17.61 -28.58
N ALA A 392 3.37 -18.04 -27.70
CA ALA A 392 3.80 -18.70 -26.47
C ALA A 392 3.56 -20.20 -26.49
N GLN A 393 3.19 -20.76 -27.65
CA GLN A 393 2.80 -22.17 -27.72
C GLN A 393 3.88 -23.11 -27.21
N ASP A 394 5.14 -22.87 -27.60
CA ASP A 394 6.19 -23.78 -27.15
C ASP A 394 6.38 -23.72 -25.64
N ILE A 395 6.12 -22.57 -25.02
CA ILE A 395 6.18 -22.46 -23.57
C ILE A 395 5.04 -23.22 -22.93
N LEU A 396 3.82 -23.07 -23.47
CA LEU A 396 2.69 -23.82 -22.92
C LEU A 396 2.91 -25.31 -23.12
N ASP A 397 3.55 -25.70 -24.22
CA ASP A 397 3.89 -27.10 -24.46
C ASP A 397 4.75 -27.65 -23.32
N THR A 398 5.81 -26.93 -22.98
CA THR A 398 6.75 -27.47 -22.01
C THR A 398 6.10 -27.59 -20.65
N LEU A 399 5.37 -26.55 -20.25
CA LEU A 399 4.56 -26.59 -19.04
C LEU A 399 3.72 -27.86 -18.97
N GLU A 400 3.01 -28.17 -20.05
CA GLU A 400 2.14 -29.34 -20.06
C GLU A 400 2.95 -30.63 -19.95
N ASP A 401 4.03 -30.74 -20.75
CA ASP A 401 4.93 -31.88 -20.60
C ASP A 401 5.43 -32.00 -19.15
N ASN A 402 5.88 -30.88 -18.57
CA ASN A 402 6.39 -30.94 -17.20
C ASN A 402 5.28 -31.32 -16.23
N ARG A 403 4.06 -30.84 -16.49
CA ARG A 403 2.93 -31.21 -15.66
C ARG A 403 2.66 -32.70 -15.73
N GLU A 404 2.62 -33.24 -16.95
CA GLU A 404 2.52 -34.67 -17.16
C GLU A 404 3.57 -35.41 -16.35
N TRP A 405 4.82 -34.93 -16.40
CA TRP A 405 5.93 -35.67 -15.82
C TRP A 405 5.83 -35.71 -14.30
N TYR A 406 5.60 -34.55 -13.68
CA TYR A 406 5.41 -34.52 -12.23
C TYR A 406 4.27 -35.43 -11.79
N GLN A 407 3.23 -35.55 -12.62
CA GLN A 407 2.14 -36.47 -12.33
C GLN A 407 2.64 -37.91 -12.33
N SER A 408 3.39 -38.28 -13.37
CA SER A 408 3.85 -39.66 -13.56
C SER A 408 4.73 -40.15 -12.41
N THR A 409 5.35 -39.24 -11.66
CA THR A 409 6.18 -39.65 -10.54
C THR A 409 5.37 -39.77 -9.24
N ILE A 410 4.05 -39.63 -9.31
CA ILE A 410 3.22 -39.69 -8.12
C ILE A 410 2.89 -41.15 -7.85
N PRO A 411 3.18 -41.68 -6.65
CA PRO A 411 3.10 -43.09 -6.21
C PRO A 411 1.96 -43.89 -6.82
N VAL B 91 -12.84 22.25 37.03
CA VAL B 91 -11.60 22.62 36.35
C VAL B 91 -11.69 22.24 34.88
N LEU B 92 -10.61 21.63 34.39
CA LEU B 92 -10.62 20.83 33.18
C LEU B 92 -11.89 20.00 33.10
N ALA B 93 -12.31 19.48 34.27
CA ALA B 93 -13.47 18.60 34.34
C ALA B 93 -14.72 19.24 33.79
N LYS B 94 -14.89 20.56 34.00
CA LYS B 94 -16.18 21.19 33.72
C LYS B 94 -16.56 21.03 32.25
N GLU B 95 -15.65 21.35 31.34
CA GLU B 95 -15.98 21.23 29.93
C GLU B 95 -15.84 19.80 29.42
N LEU B 96 -15.04 18.96 30.07
CA LEU B 96 -14.92 17.57 29.65
C LEU B 96 -16.27 16.87 29.66
N GLU B 97 -17.04 17.05 30.74
CA GLU B 97 -18.35 16.39 30.85
C GLU B 97 -19.28 16.81 29.72
N ASP B 98 -18.78 17.64 28.81
CA ASP B 98 -19.46 17.90 27.55
C ASP B 98 -19.06 16.93 26.43
N VAL B 99 -18.25 15.93 26.73
CA VAL B 99 -17.60 15.08 25.72
C VAL B 99 -18.59 14.38 24.80
N ASN B 100 -19.88 14.41 25.13
CA ASN B 100 -20.88 13.77 24.28
C ASN B 100 -21.37 14.67 23.14
N LYS B 101 -20.84 15.89 23.02
CA LYS B 101 -21.47 16.89 22.17
C LYS B 101 -20.65 17.34 20.97
N TRP B 102 -21.39 17.71 19.93
CA TRP B 102 -20.85 18.24 18.68
C TRP B 102 -20.55 19.72 18.86
N GLY B 103 -19.39 20.00 19.46
CA GLY B 103 -19.01 21.39 19.66
C GLY B 103 -18.13 21.52 20.88
N LEU B 104 -17.44 20.43 21.21
CA LEU B 104 -16.57 20.43 22.37
C LEU B 104 -15.54 21.56 22.26
N HIS B 105 -15.21 22.14 23.40
CA HIS B 105 -14.24 23.22 23.46
C HIS B 105 -12.84 22.63 23.55
N VAL B 106 -12.41 22.03 22.44
CA VAL B 106 -11.16 21.27 22.44
C VAL B 106 -9.96 22.19 22.59
N PHE B 107 -10.04 23.41 22.03
CA PHE B 107 -8.96 24.36 22.21
C PHE B 107 -8.86 24.78 23.68
N ARG B 108 -9.99 24.99 24.32
CA ARG B 108 -10.04 25.12 25.78
C ARG B 108 -9.28 23.99 26.45
N ILE B 109 -9.73 22.76 26.20
CA ILE B 109 -9.18 21.59 26.88
C ILE B 109 -7.70 21.47 26.62
N ALA B 110 -7.25 21.80 25.39
CA ALA B 110 -5.83 21.74 25.09
C ALA B 110 -5.05 22.71 25.97
N GLU B 111 -5.59 23.91 26.17
CA GLU B 111 -5.00 24.85 27.13
C GLU B 111 -5.03 24.28 28.55
N LEU B 112 -6.22 23.83 29.00
CA LEU B 112 -6.40 23.38 30.38
C LEU B 112 -5.70 22.06 30.67
N SER B 113 -5.45 21.22 29.66
CA SER B 113 -4.80 19.94 29.88
C SER B 113 -3.28 20.01 29.82
N GLY B 114 -2.72 21.18 29.56
CA GLY B 114 -1.28 21.29 29.39
C GLY B 114 -0.80 20.66 28.09
N ASN B 115 -1.46 20.99 26.99
CA ASN B 115 -1.15 20.42 25.67
C ASN B 115 -1.28 18.89 25.71
N ARG B 116 -2.42 18.43 26.25
CA ARG B 116 -2.74 17.01 26.24
C ARG B 116 -4.23 16.81 26.04
N PRO B 117 -4.86 17.40 25.01
CA PRO B 117 -6.26 17.07 24.77
C PRO B 117 -6.47 15.65 24.29
N LEU B 118 -5.51 15.07 23.57
CA LEU B 118 -5.69 13.69 23.13
C LEU B 118 -5.72 12.76 24.33
N THR B 119 -4.67 12.79 25.17
CA THR B 119 -4.64 11.95 26.37
C THR B 119 -5.90 12.08 27.21
N VAL B 120 -6.42 13.31 27.38
CA VAL B 120 -7.57 13.44 28.27
C VAL B 120 -8.87 13.10 27.56
N ILE B 121 -9.02 13.46 26.28
CA ILE B 121 -10.28 13.17 25.60
C ILE B 121 -10.39 11.68 25.30
N MET B 122 -9.26 11.01 25.07
CA MET B 122 -9.25 9.55 24.95
C MET B 122 -9.50 8.88 26.30
N HIS B 123 -8.88 9.39 27.36
CA HIS B 123 -9.20 8.92 28.71
C HIS B 123 -10.69 8.94 28.97
N THR B 124 -11.28 10.13 28.87
CA THR B 124 -12.72 10.29 29.07
C THR B 124 -13.50 9.39 28.14
N ILE B 125 -13.08 9.33 26.87
CA ILE B 125 -13.83 8.55 25.90
C ILE B 125 -13.93 7.10 26.36
N PHE B 126 -12.83 6.55 26.86
CA PHE B 126 -12.80 5.15 27.24
C PHE B 126 -13.62 4.91 28.50
N GLN B 127 -13.48 5.80 29.51
CA GLN B 127 -14.23 5.67 30.75
C GLN B 127 -15.73 5.91 30.54
N GLU B 128 -16.10 6.68 29.52
CA GLU B 128 -17.51 6.86 29.18
C GLU B 128 -18.09 5.61 28.53
N ARG B 129 -17.23 4.80 27.91
CA ARG B 129 -17.64 3.58 27.23
C ARG B 129 -17.37 2.33 28.05
N ASP B 130 -16.70 2.48 29.20
CA ASP B 130 -16.27 1.35 30.03
C ASP B 130 -15.37 0.39 29.25
N LEU B 131 -14.59 0.91 28.29
CA LEU B 131 -13.71 0.04 27.52
C LEU B 131 -12.57 -0.48 28.38
N LEU B 132 -12.19 0.26 29.43
CA LEU B 132 -11.08 -0.19 30.26
C LEU B 132 -11.39 -1.48 31.01
N LYS B 133 -12.66 -1.77 31.24
CA LYS B 133 -13.05 -3.00 31.90
C LYS B 133 -13.78 -3.95 30.97
N THR B 134 -14.15 -3.49 29.77
CA THR B 134 -14.57 -4.42 28.73
C THR B 134 -13.37 -5.15 28.13
N PHE B 135 -12.27 -4.44 27.92
CA PHE B 135 -11.07 -5.03 27.34
C PHE B 135 -9.93 -5.11 28.34
N LYS B 136 -10.27 -4.99 29.64
CA LYS B 136 -9.31 -5.14 30.73
C LYS B 136 -8.07 -4.29 30.46
N ILE B 137 -8.33 -3.02 30.15
CA ILE B 137 -7.27 -2.05 29.85
C ILE B 137 -6.79 -1.46 31.17
N PRO B 138 -5.58 -1.80 31.62
CA PRO B 138 -5.04 -1.13 32.80
C PRO B 138 -4.87 0.35 32.51
N VAL B 139 -5.58 1.19 33.28
CA VAL B 139 -5.58 2.62 32.99
C VAL B 139 -4.17 3.18 33.00
N ASP B 140 -3.28 2.62 33.82
CA ASP B 140 -1.88 3.04 33.75
C ASP B 140 -1.29 2.72 32.38
N THR B 141 -1.61 1.54 31.84
CA THR B 141 -1.16 1.19 30.49
C THR B 141 -1.76 2.14 29.46
N LEU B 142 -3.06 2.42 29.59
CA LEU B 142 -3.71 3.35 28.67
C LEU B 142 -3.05 4.72 28.69
N ILE B 143 -2.93 5.32 29.88
CA ILE B 143 -2.29 6.63 30.01
C ILE B 143 -0.95 6.63 29.30
N THR B 144 -0.08 5.70 29.70
CA THR B 144 1.27 5.64 29.15
C THR B 144 1.27 5.67 27.64
N TYR B 145 0.35 4.93 27.02
CA TYR B 145 0.26 4.89 25.57
C TYR B 145 -0.22 6.22 25.02
N LEU B 146 -1.43 6.64 25.40
CA LEU B 146 -2.01 7.92 24.99
C LEU B 146 -1.01 9.07 25.08
N MET B 147 -0.30 9.14 26.20
CA MET B 147 0.70 10.18 26.38
C MET B 147 1.81 10.04 25.35
N THR B 148 2.37 8.83 25.21
CA THR B 148 3.42 8.59 24.23
C THR B 148 2.93 8.83 22.82
N LEU B 149 1.66 8.57 22.56
CA LEU B 149 1.04 8.89 21.29
C LEU B 149 1.00 10.40 21.07
N GLU B 150 0.42 11.13 22.04
CA GLU B 150 0.32 12.60 21.95
C GLU B 150 1.68 13.23 21.65
N ASP B 151 2.73 12.70 22.29
CA ASP B 151 4.10 13.16 22.07
C ASP B 151 4.55 13.08 20.62
N HIS B 152 4.06 12.09 19.87
CA HIS B 152 4.52 11.91 18.50
C HIS B 152 3.68 12.69 17.51
N TYR B 153 2.73 13.47 18.02
CA TYR B 153 2.12 14.55 17.27
C TYR B 153 2.98 15.80 17.45
N HIS B 154 3.27 16.49 16.34
CA HIS B 154 4.23 17.58 16.34
C HIS B 154 3.59 18.88 16.84
N ALA B 155 4.21 19.51 17.85
CA ALA B 155 3.63 20.73 18.40
C ALA B 155 3.89 21.96 17.52
N ASP B 156 4.93 21.94 16.69
CA ASP B 156 5.22 23.05 15.80
C ASP B 156 4.43 22.97 14.48
N VAL B 157 3.50 22.03 14.37
CA VAL B 157 2.65 21.94 13.19
C VAL B 157 1.31 22.54 13.54
N ALA B 158 0.83 23.47 12.69
CA ALA B 158 -0.27 24.33 13.09
C ALA B 158 -1.60 23.60 13.12
N TYR B 159 -1.84 22.67 12.18
CA TYR B 159 -3.13 21.98 12.11
C TYR B 159 -3.03 20.52 12.50
N HIS B 160 -2.32 19.69 11.72
CA HIS B 160 -2.24 18.26 11.98
C HIS B 160 -1.41 17.95 13.22
N ASN B 161 -1.98 18.21 14.38
CA ASN B 161 -1.29 18.01 15.66
C ASN B 161 -2.25 17.29 16.61
N ASN B 162 -1.92 17.26 17.89
CA ASN B 162 -2.71 16.50 18.86
C ASN B 162 -4.10 17.11 19.09
N ILE B 163 -4.25 18.43 18.93
CA ILE B 163 -5.60 19.00 19.00
C ILE B 163 -6.47 18.45 17.88
N HIS B 164 -5.94 18.33 16.66
CA HIS B 164 -6.74 17.79 15.58
C HIS B 164 -7.11 16.34 15.86
N ALA B 165 -6.16 15.57 16.37
CA ALA B 165 -6.40 14.19 16.75
C ALA B 165 -7.48 14.12 17.82
N ALA B 166 -7.28 14.83 18.94
CA ALA B 166 -8.29 14.92 19.98
C ALA B 166 -9.66 15.24 19.41
N ASP B 167 -9.71 16.12 18.41
CA ASP B 167 -10.97 16.56 17.82
C ASP B 167 -11.57 15.51 16.91
N VAL B 168 -10.75 14.67 16.25
CA VAL B 168 -11.34 13.66 15.39
C VAL B 168 -11.86 12.50 16.24
N VAL B 169 -11.08 12.10 17.24
CA VAL B 169 -11.50 11.17 18.27
C VAL B 169 -12.92 11.49 18.72
N GLN B 170 -13.09 12.69 19.26
CA GLN B 170 -14.36 13.05 19.90
C GLN B 170 -15.47 13.17 18.87
N SER B 171 -15.15 13.66 17.67
CA SER B 171 -16.20 13.81 16.65
C SER B 171 -16.61 12.44 16.10
N THR B 172 -15.66 11.53 15.98
CA THR B 172 -16.01 10.14 15.70
C THR B 172 -16.89 9.57 16.82
N HIS B 173 -16.47 9.76 18.06
CA HIS B 173 -17.22 9.30 19.22
C HIS B 173 -18.68 9.73 19.21
N VAL B 174 -19.02 10.78 18.47
CA VAL B 174 -20.39 11.27 18.41
C VAL B 174 -21.14 10.63 17.25
N LEU B 175 -20.51 10.57 16.07
CA LEU B 175 -21.12 9.85 14.97
C LEU B 175 -21.38 8.39 15.31
N LEU B 176 -20.78 7.87 16.38
CA LEU B 176 -21.04 6.50 16.79
C LEU B 176 -22.36 6.40 17.54
N SER B 177 -22.50 7.17 18.63
CA SER B 177 -23.69 7.11 19.48
C SER B 177 -24.80 8.03 18.98
N THR B 178 -24.99 8.13 17.66
CA THR B 178 -26.30 8.44 17.08
C THR B 178 -27.13 7.15 17.01
N PRO B 179 -28.43 7.25 17.31
CA PRO B 179 -29.28 6.02 17.37
C PRO B 179 -29.57 5.32 16.05
N ALA B 180 -29.62 6.04 14.95
CA ALA B 180 -29.59 5.39 13.66
C ALA B 180 -28.37 4.48 13.51
N LEU B 181 -27.36 4.67 14.35
CA LEU B 181 -26.26 3.73 14.55
C LEU B 181 -26.24 3.30 16.01
N GLU B 182 -27.33 2.68 16.46
CA GLU B 182 -27.43 2.21 17.85
C GLU B 182 -26.68 0.89 17.97
N ALA B 183 -25.44 0.94 18.44
CA ALA B 183 -24.58 -0.24 18.57
C ALA B 183 -24.74 -1.18 17.37
N VAL B 184 -24.68 -0.59 16.17
CA VAL B 184 -24.60 -1.34 14.91
C VAL B 184 -23.15 -1.82 14.77
N PHE B 185 -22.36 -1.62 15.83
CA PHE B 185 -20.92 -1.83 15.83
C PHE B 185 -20.56 -2.37 17.20
N THR B 186 -19.57 -3.27 17.26
CA THR B 186 -19.30 -3.99 18.51
C THR B 186 -18.33 -3.20 19.40
N ASP B 187 -18.28 -3.58 20.68
CA ASP B 187 -17.34 -2.95 21.59
C ASP B 187 -15.90 -3.01 21.06
N LEU B 188 -15.63 -3.88 20.10
CA LEU B 188 -14.36 -3.93 19.38
C LEU B 188 -14.33 -2.96 18.19
N GLU B 189 -15.42 -2.91 17.41
CA GLU B 189 -15.49 -2.06 16.22
C GLU B 189 -15.58 -0.59 16.57
N ILE B 190 -16.21 -0.25 17.69
CA ILE B 190 -16.07 1.09 18.23
C ILE B 190 -14.65 1.32 18.69
N LEU B 191 -14.07 0.34 19.39
CA LEU B 191 -12.68 0.44 19.81
C LEU B 191 -11.77 0.71 18.61
N ALA B 192 -12.12 0.19 17.43
CA ALA B 192 -11.33 0.43 16.24
C ALA B 192 -11.48 1.87 15.78
N ALA B 193 -12.72 2.31 15.56
CA ALA B 193 -12.97 3.63 15.00
C ALA B 193 -12.34 4.74 15.83
N ILE B 194 -12.18 4.54 17.13
CA ILE B 194 -11.64 5.56 18.03
C ILE B 194 -10.13 5.48 18.12
N PHE B 195 -9.59 4.26 18.22
CA PHE B 195 -8.15 4.09 18.09
C PHE B 195 -7.67 4.60 16.72
N ALA B 196 -8.39 4.22 15.66
CA ALA B 196 -8.06 4.72 14.34
C ALA B 196 -8.01 6.25 14.35
N SER B 197 -9.13 6.88 14.74
CA SER B 197 -9.20 8.34 14.88
C SER B 197 -8.03 8.92 15.67
N ALA B 198 -7.62 8.26 16.75
CA ALA B 198 -6.60 8.84 17.62
C ALA B 198 -5.22 8.79 16.99
N ILE B 199 -4.91 7.73 16.25
CA ILE B 199 -3.60 7.58 15.62
C ILE B 199 -3.58 8.13 14.20
N HIS B 200 -4.71 8.64 13.68
CA HIS B 200 -4.90 8.81 12.24
C HIS B 200 -4.03 9.90 11.62
N ASP B 201 -3.30 10.70 12.41
CA ASP B 201 -2.38 11.67 11.81
C ASP B 201 -1.08 11.76 12.59
N VAL B 202 -0.71 10.71 13.32
CA VAL B 202 0.40 10.80 14.25
C VAL B 202 1.71 10.99 13.47
N ASP B 203 2.58 11.86 13.99
CA ASP B 203 3.88 12.14 13.36
C ASP B 203 3.73 12.77 11.98
N HIS B 204 2.65 13.52 11.79
CA HIS B 204 2.45 14.27 10.56
C HIS B 204 3.46 15.42 10.48
N PRO B 205 4.20 15.57 9.38
CA PRO B 205 5.21 16.64 9.30
C PRO B 205 4.64 17.97 8.83
N GLY B 206 3.34 18.07 8.61
CA GLY B 206 2.76 19.31 8.15
C GLY B 206 2.82 19.54 6.67
N VAL B 207 3.08 18.51 5.88
CA VAL B 207 3.09 18.63 4.43
C VAL B 207 2.22 17.52 3.85
N SER B 208 1.81 17.71 2.60
CA SER B 208 0.95 16.74 1.97
C SER B 208 1.75 15.54 1.45
N ASN B 209 1.03 14.47 1.14
CA ASN B 209 1.63 13.37 0.39
C ASN B 209 2.32 13.87 -0.87
N GLN B 210 1.63 14.68 -1.67
CA GLN B 210 2.21 15.13 -2.93
C GLN B 210 3.52 15.89 -2.70
N PHE B 211 3.56 16.71 -1.66
CA PHE B 211 4.83 17.34 -1.30
C PHE B 211 5.89 16.29 -1.00
N LEU B 212 5.58 15.35 -0.11
CA LEU B 212 6.55 14.32 0.26
C LEU B 212 7.02 13.54 -0.97
N ILE B 213 6.10 13.28 -1.90
CA ILE B 213 6.45 12.60 -3.14
C ILE B 213 7.38 13.46 -3.99
N ASN B 214 6.95 14.69 -4.31
CA ASN B 214 7.72 15.57 -5.19
C ASN B 214 9.11 15.84 -4.67
N THR B 215 9.34 15.74 -3.37
CA THR B 215 10.64 16.06 -2.82
C THR B 215 11.50 14.82 -2.62
N ASN B 216 11.06 13.65 -3.11
CA ASN B 216 11.83 12.42 -2.96
C ASN B 216 12.14 12.13 -1.49
N SER B 217 11.16 12.35 -0.63
CA SER B 217 11.36 12.16 0.79
C SER B 217 11.53 10.68 1.11
N GLU B 218 12.14 10.42 2.27
CA GLU B 218 12.30 9.07 2.77
C GLU B 218 10.95 8.38 2.98
N LEU B 219 9.97 9.13 3.48
CA LEU B 219 8.63 8.58 3.61
C LEU B 219 8.10 8.07 2.27
N ALA B 220 8.20 8.90 1.23
CA ALA B 220 7.64 8.51 -0.05
C ALA B 220 8.44 7.37 -0.69
N LEU B 221 9.75 7.29 -0.42
CA LEU B 221 10.52 6.16 -0.90
C LEU B 221 10.10 4.88 -0.17
N MET B 222 9.96 4.98 1.16
CA MET B 222 9.50 3.86 1.97
C MET B 222 8.14 3.33 1.49
N TYR B 223 7.19 4.22 1.22
CA TYR B 223 5.83 3.80 0.98
C TYR B 223 5.44 3.85 -0.48
N ASN B 224 6.41 3.98 -1.39
CA ASN B 224 6.15 3.90 -2.84
C ASN B 224 5.01 4.82 -3.27
N ASP B 225 5.06 6.06 -2.77
CA ASP B 225 4.15 7.14 -3.17
C ASP B 225 2.67 6.85 -2.90
N SER B 226 2.31 5.75 -2.23
CA SER B 226 0.89 5.42 -2.05
C SER B 226 0.51 5.64 -0.60
N SER B 227 -0.43 6.57 -0.37
CA SER B 227 -0.92 6.89 0.97
C SER B 227 0.24 7.00 1.95
N VAL B 228 1.28 7.73 1.51
CA VAL B 228 2.54 7.78 2.24
C VAL B 228 2.30 8.09 3.71
N LEU B 229 1.59 9.18 3.99
CA LEU B 229 1.41 9.62 5.37
C LEU B 229 0.54 8.66 6.15
N GLU B 230 -0.57 8.23 5.52
CA GLU B 230 -1.50 7.32 6.18
C GLU B 230 -0.83 6.01 6.56
N ASN B 231 -0.01 5.43 5.68
CA ASN B 231 0.76 4.28 6.08
C ASN B 231 1.65 4.62 7.27
N HIS B 232 2.30 5.77 7.21
CA HIS B 232 3.19 6.15 8.31
C HIS B 232 2.43 6.31 9.62
N HIS B 233 1.26 6.98 9.59
CA HIS B 233 0.50 7.17 10.83
C HIS B 233 0.16 5.84 11.48
N LEU B 234 -0.31 4.89 10.67
CA LEU B 234 -0.59 3.54 11.15
C LEU B 234 0.64 2.93 11.79
N ALA B 235 1.76 2.94 11.06
CA ALA B 235 2.96 2.25 11.52
C ALA B 235 3.44 2.83 12.84
N VAL B 236 3.23 4.12 13.07
CA VAL B 236 3.68 4.71 14.33
C VAL B 236 2.69 4.39 15.44
N GLY B 237 1.40 4.56 15.15
CA GLY B 237 0.38 4.25 16.13
C GLY B 237 0.50 2.84 16.68
N PHE B 238 0.85 1.88 15.83
CA PHE B 238 0.99 0.50 16.27
C PHE B 238 2.34 0.26 16.92
N LYS B 239 3.40 0.82 16.32
CA LYS B 239 4.74 0.73 16.88
C LYS B 239 4.75 1.13 18.35
N LEU B 240 3.98 2.17 18.68
CA LEU B 240 4.00 2.72 20.03
C LEU B 240 3.46 1.74 21.06
N LEU B 241 2.55 0.86 20.66
CA LEU B 241 2.01 -0.15 21.57
C LEU B 241 3.09 -1.06 22.13
N GLN B 242 4.30 -1.04 21.56
CA GLN B 242 5.38 -1.92 21.97
C GLN B 242 6.36 -1.25 22.93
N GLU B 243 6.24 0.05 23.17
CA GLU B 243 7.05 0.66 24.22
C GLU B 243 6.47 0.29 25.57
N GLU B 244 7.31 0.35 26.61
CA GLU B 244 7.00 -0.35 27.85
C GLU B 244 5.72 0.18 28.49
N ASN B 245 4.87 -0.77 28.93
CA ASN B 245 3.53 -0.52 29.46
C ASN B 245 2.72 0.42 28.57
N CYS B 246 2.58 0.04 27.28
CA CYS B 246 1.69 0.72 26.36
C CYS B 246 0.73 -0.19 25.62
N ASP B 247 0.82 -1.51 25.81
CA ASP B 247 0.02 -2.47 25.03
C ASP B 247 -1.41 -2.48 25.58
N ILE B 248 -2.20 -1.50 25.16
CA ILE B 248 -3.57 -1.40 25.65
C ILE B 248 -4.45 -2.50 25.11
N PHE B 249 -3.96 -3.30 24.17
CA PHE B 249 -4.72 -4.42 23.64
C PHE B 249 -4.22 -5.75 24.21
N GLN B 250 -3.56 -5.69 25.36
CA GLN B 250 -2.89 -6.85 25.94
C GLN B 250 -3.86 -7.94 26.35
N ASN B 251 -5.06 -7.58 26.81
CA ASN B 251 -6.03 -8.56 27.27
C ASN B 251 -7.10 -8.83 26.23
N LEU B 252 -6.86 -8.42 24.98
CA LEU B 252 -7.68 -8.85 23.87
C LEU B 252 -7.21 -10.22 23.39
N THR B 253 -8.14 -10.99 22.84
CA THR B 253 -7.74 -12.27 22.31
C THR B 253 -6.93 -12.09 21.02
N LYS B 254 -6.27 -13.18 20.63
CA LYS B 254 -5.52 -13.22 19.37
C LYS B 254 -6.38 -12.75 18.22
N LYS B 255 -7.61 -13.25 18.15
CA LYS B 255 -8.45 -12.95 16.99
C LYS B 255 -8.93 -11.50 17.01
N GLN B 256 -9.29 -11.00 18.19
CA GLN B 256 -9.72 -9.60 18.32
C GLN B 256 -8.59 -8.64 17.95
N ARG B 257 -7.39 -8.85 18.51
CA ARG B 257 -6.24 -8.03 18.15
C ARG B 257 -6.04 -8.02 16.64
N GLN B 258 -6.26 -9.17 16.00
CA GLN B 258 -6.10 -9.28 14.56
C GLN B 258 -7.24 -8.61 13.82
N SER B 259 -8.47 -8.76 14.32
CA SER B 259 -9.60 -8.11 13.67
C SER B 259 -9.54 -6.61 13.86
N LEU B 260 -9.14 -6.18 15.06
CA LEU B 260 -8.93 -4.76 15.32
C LEU B 260 -7.89 -4.17 14.37
N ARG B 261 -6.71 -4.82 14.28
CA ARG B 261 -5.64 -4.28 13.45
C ARG B 261 -6.13 -4.03 12.04
N LYS B 262 -6.86 -5.00 11.47
CA LYS B 262 -7.35 -4.86 10.10
C LYS B 262 -8.33 -3.71 9.96
N MET B 263 -9.25 -3.58 10.92
CA MET B 263 -10.20 -2.47 10.84
C MET B 263 -9.51 -1.13 10.94
N VAL B 264 -8.55 -1.01 11.86
CA VAL B 264 -7.82 0.25 12.05
C VAL B 264 -7.07 0.63 10.79
N ILE B 265 -6.36 -0.33 10.18
CA ILE B 265 -5.68 -0.09 8.90
C ILE B 265 -6.68 0.35 7.84
N ASP B 266 -7.77 -0.42 7.68
CA ASP B 266 -8.78 -0.07 6.68
C ASP B 266 -9.33 1.34 6.89
N ILE B 267 -9.55 1.73 8.14
CA ILE B 267 -10.04 3.09 8.41
C ILE B 267 -8.98 4.12 8.07
N VAL B 268 -7.78 4.00 8.65
CA VAL B 268 -6.79 5.05 8.51
C VAL B 268 -6.35 5.20 7.06
N LEU B 269 -6.14 4.08 6.36
CA LEU B 269 -5.80 4.19 4.94
C LEU B 269 -6.85 4.97 4.17
N ALA B 270 -8.09 4.92 4.62
CA ALA B 270 -9.19 5.58 3.95
C ALA B 270 -9.34 7.03 4.34
N THR B 271 -8.50 7.56 5.23
CA THR B 271 -8.48 9.00 5.47
C THR B 271 -7.59 9.73 4.47
N ASP B 272 -6.91 9.01 3.59
CA ASP B 272 -6.15 9.61 2.50
C ASP B 272 -7.08 10.40 1.60
N MET B 273 -6.85 11.73 1.52
CA MET B 273 -7.76 12.59 0.77
C MET B 273 -7.86 12.24 -0.71
N SER B 274 -6.84 11.60 -1.29
CA SER B 274 -6.94 11.16 -2.68
C SER B 274 -8.01 10.11 -2.90
N LYS B 275 -8.52 9.47 -1.86
CA LYS B 275 -9.56 8.46 -1.97
C LYS B 275 -10.94 9.03 -1.68
N HIS B 276 -11.04 10.35 -1.54
CA HIS B 276 -12.28 10.94 -1.08
C HIS B 276 -13.43 10.67 -2.04
N MET B 277 -13.19 10.80 -3.35
CA MET B 277 -14.25 10.59 -4.33
C MET B 277 -14.81 9.17 -4.25
N ASN B 278 -13.94 8.18 -4.46
CA ASN B 278 -14.36 6.79 -4.42
C ASN B 278 -15.07 6.45 -3.12
N LEU B 279 -14.54 6.93 -2.00
CA LEU B 279 -15.17 6.70 -0.70
C LEU B 279 -16.58 7.29 -0.65
N LEU B 280 -16.84 8.36 -1.40
CA LEU B 280 -18.16 8.99 -1.36
C LEU B 280 -19.14 8.30 -2.31
N ALA B 281 -18.68 7.95 -3.51
CA ALA B 281 -19.47 7.08 -4.38
C ALA B 281 -19.90 5.81 -3.65
N ASP B 282 -18.98 5.21 -2.89
CA ASP B 282 -19.36 4.03 -2.11
C ASP B 282 -20.39 4.35 -1.05
N LEU B 283 -20.42 5.58 -0.56
CA LEU B 283 -21.41 5.94 0.44
C LEU B 283 -22.74 6.32 -0.20
N LYS B 284 -22.69 6.87 -1.42
CA LYS B 284 -23.92 7.16 -2.15
C LYS B 284 -24.62 5.87 -2.54
N THR B 285 -23.88 4.94 -3.16
CA THR B 285 -24.42 3.62 -3.45
C THR B 285 -25.06 2.99 -2.22
N MET B 286 -24.36 3.03 -1.10
CA MET B 286 -24.93 2.57 0.16
C MET B 286 -26.21 3.33 0.55
N VAL B 287 -26.39 4.55 0.05
CA VAL B 287 -27.63 5.27 0.32
C VAL B 287 -28.68 4.99 -0.77
N GLU B 288 -28.24 4.80 -2.02
CA GLU B 288 -29.16 4.45 -3.09
C GLU B 288 -29.98 3.22 -2.72
N THR B 289 -29.30 2.11 -2.42
CA THR B 289 -29.95 0.91 -1.92
C THR B 289 -29.77 0.78 -0.41
N LYS B 290 -30.06 1.89 0.25
CA LYS B 290 -30.21 1.92 1.70
C LYS B 290 -31.33 0.99 2.12
N LYS B 291 -31.09 0.21 3.18
CA LYS B 291 -32.10 -0.68 3.73
C LYS B 291 -32.28 -0.42 5.22
N VAL B 292 -33.53 -0.34 5.64
CA VAL B 292 -33.95 0.31 6.88
C VAL B 292 -35.03 -0.55 7.55
N THR B 293 -35.01 -0.59 8.87
CA THR B 293 -36.20 -1.07 9.57
C THR B 293 -37.35 -0.09 9.34
N SER B 294 -38.57 -0.62 9.27
CA SER B 294 -39.74 0.24 9.11
C SER B 294 -39.62 1.45 10.02
N SER B 295 -39.26 1.19 11.28
CA SER B 295 -38.90 2.23 12.25
C SER B 295 -37.65 3.00 11.82
N GLY B 296 -36.46 2.53 12.21
CA GLY B 296 -35.27 3.34 12.05
C GLY B 296 -33.95 2.72 11.61
N VAL B 297 -33.30 1.96 12.50
CA VAL B 297 -31.88 1.65 12.42
C VAL B 297 -31.44 1.10 11.07
N LEU B 298 -30.18 1.38 10.71
CA LEU B 298 -29.60 0.97 9.43
C LEU B 298 -29.11 -0.48 9.48
N LEU B 299 -29.41 -1.23 8.42
CA LEU B 299 -29.09 -2.67 8.35
C LEU B 299 -27.91 -2.90 7.42
N LEU B 300 -26.75 -3.17 8.00
CA LEU B 300 -25.55 -3.59 7.29
C LEU B 300 -25.27 -5.05 7.61
N ASP B 301 -24.94 -5.84 6.59
CA ASP B 301 -24.73 -7.26 6.81
C ASP B 301 -23.26 -7.67 6.67
N ASN B 302 -22.66 -7.50 5.50
CA ASN B 302 -21.27 -7.91 5.33
C ASN B 302 -20.32 -6.84 5.83
N TYR B 303 -19.13 -7.29 6.22
CA TYR B 303 -18.05 -6.39 6.61
C TYR B 303 -17.86 -5.26 5.59
N SER B 304 -17.89 -5.60 4.30
CA SER B 304 -17.56 -4.61 3.28
C SER B 304 -18.44 -3.38 3.36
N ASP B 305 -19.72 -3.55 3.71
CA ASP B 305 -20.59 -2.40 3.89
C ASP B 305 -20.31 -1.67 5.20
N ARG B 306 -19.98 -2.42 6.25
CA ARG B 306 -19.87 -1.82 7.57
C ARG B 306 -18.56 -1.07 7.78
N ILE B 307 -17.44 -1.64 7.33
CA ILE B 307 -16.18 -0.92 7.44
C ILE B 307 -16.25 0.35 6.60
N GLN B 308 -16.95 0.27 5.48
CA GLN B 308 -17.15 1.41 4.60
C GLN B 308 -17.91 2.53 5.29
N VAL B 309 -18.76 2.21 6.26
CA VAL B 309 -19.44 3.23 7.02
C VAL B 309 -18.49 3.84 8.04
N LEU B 310 -17.66 3.01 8.66
CA LEU B 310 -16.65 3.53 9.59
C LEU B 310 -15.61 4.36 8.86
N GLN B 311 -15.14 3.88 7.71
CA GLN B 311 -14.26 4.67 6.87
C GLN B 311 -14.86 6.05 6.59
N ASN B 312 -16.08 6.09 6.06
CA ASN B 312 -16.72 7.37 5.79
C ASN B 312 -17.01 8.16 7.05
N MET B 313 -17.10 7.49 8.20
CA MET B 313 -17.42 8.22 9.41
C MET B 313 -16.19 8.91 9.98
N VAL B 314 -15.04 8.24 9.98
CA VAL B 314 -13.84 8.92 10.43
C VAL B 314 -13.37 9.88 9.37
N HIS B 315 -13.68 9.61 8.11
CA HIS B 315 -13.47 10.60 7.08
C HIS B 315 -14.29 11.84 7.37
N CYS B 316 -15.54 11.65 7.84
CA CYS B 316 -16.35 12.76 8.33
C CYS B 316 -15.69 13.50 9.47
N ALA B 317 -15.37 12.77 10.55
CA ALA B 317 -14.68 13.39 11.67
C ALA B 317 -13.38 14.06 11.25
N ASP B 318 -12.81 13.68 10.10
CA ASP B 318 -11.62 14.35 9.59
C ASP B 318 -12.01 15.62 8.85
N LEU B 319 -13.14 15.58 8.16
CA LEU B 319 -13.67 16.72 7.43
C LEU B 319 -14.85 17.36 8.14
N SER B 320 -14.78 17.47 9.47
CA SER B 320 -15.87 18.01 10.26
C SER B 320 -15.66 19.46 10.71
N ASN B 321 -14.44 19.99 10.58
CA ASN B 321 -14.22 21.38 10.98
C ASN B 321 -15.30 22.33 10.49
N PRO B 322 -15.70 22.35 9.21
CA PRO B 322 -16.70 23.34 8.78
C PRO B 322 -18.12 23.08 9.27
N THR B 323 -18.29 22.11 10.16
CA THR B 323 -19.58 21.82 10.79
C THR B 323 -19.57 22.11 12.27
N LYS B 324 -18.47 22.57 12.83
CA LYS B 324 -18.41 22.94 14.23
C LYS B 324 -19.00 24.34 14.43
N PRO B 325 -19.05 24.83 15.66
CA PRO B 325 -19.38 26.25 15.86
C PRO B 325 -18.30 27.17 15.27
N LEU B 326 -18.78 28.27 14.67
CA LEU B 326 -17.92 29.18 13.90
C LEU B 326 -16.61 29.48 14.59
N GLN B 327 -16.67 29.80 15.89
CA GLN B 327 -15.45 30.10 16.64
C GLN B 327 -14.44 28.98 16.55
N LEU B 328 -14.91 27.74 16.44
CA LEU B 328 -14.02 26.60 16.30
C LEU B 328 -13.59 26.45 14.85
N TYR B 329 -14.55 26.52 13.93
CA TYR B 329 -14.26 26.39 12.52
C TYR B 329 -13.24 27.44 12.08
N ARG B 330 -13.50 28.71 12.40
CA ARG B 330 -12.59 29.78 12.02
C ARG B 330 -11.17 29.47 12.45
N GLN B 331 -11.02 28.88 13.64
CA GLN B 331 -9.69 28.67 14.20
C GLN B 331 -9.00 27.47 13.56
N TRP B 332 -9.74 26.43 13.19
CA TRP B 332 -9.17 25.41 12.32
C TRP B 332 -8.71 26.00 11.00
N THR B 333 -9.58 26.83 10.39
CA THR B 333 -9.21 27.48 9.12
C THR B 333 -7.92 28.26 9.26
N ASP B 334 -7.79 29.03 10.34
CA ASP B 334 -6.55 29.74 10.61
C ASP B 334 -5.40 28.75 10.68
N ARG B 335 -5.61 27.62 11.36
CA ARG B 335 -4.52 26.66 11.53
C ARG B 335 -4.17 25.96 10.24
N ILE B 336 -5.17 25.55 9.45
CA ILE B 336 -4.85 24.84 8.21
C ILE B 336 -4.17 25.77 7.23
N MET B 337 -4.57 27.04 7.22
CA MET B 337 -3.96 27.97 6.27
C MET B 337 -2.53 28.30 6.66
N GLU B 338 -2.27 28.45 7.96
CA GLU B 338 -0.89 28.57 8.42
C GLU B 338 -0.05 27.38 7.96
N GLU B 339 -0.60 26.16 8.08
CA GLU B 339 0.13 24.98 7.65
C GLU B 339 0.33 24.95 6.14
N PHE B 340 -0.68 25.39 5.39
CA PHE B 340 -0.55 25.40 3.93
C PHE B 340 0.40 26.50 3.46
N PHE B 341 0.47 27.62 4.16
CA PHE B 341 1.38 28.68 3.75
C PHE B 341 2.83 28.27 4.03
N ARG B 342 3.07 27.60 5.17
CA ARG B 342 4.41 27.10 5.45
C ARG B 342 4.88 26.07 4.44
N GLN B 343 3.97 25.23 3.93
CA GLN B 343 4.39 24.31 2.88
C GLN B 343 4.70 25.06 1.60
N GLY B 344 3.90 26.08 1.28
CA GLY B 344 4.20 26.91 0.14
C GLY B 344 5.53 27.64 0.28
N ASP B 345 5.84 28.11 1.49
CA ASP B 345 7.18 28.64 1.74
C ASP B 345 8.24 27.56 1.52
N ARG B 346 8.00 26.36 2.06
CA ARG B 346 8.97 25.28 1.89
C ARG B 346 9.06 24.84 0.44
N GLU B 347 7.98 24.93 -0.33
CA GLU B 347 8.08 24.66 -1.77
C GLU B 347 8.81 25.78 -2.48
N ARG B 348 8.57 27.02 -2.03
CA ARG B 348 9.20 28.20 -2.63
C ARG B 348 10.73 28.15 -2.47
N GLU B 349 11.20 27.90 -1.25
CA GLU B 349 12.64 27.79 -1.00
C GLU B 349 13.31 26.80 -1.93
N ARG B 350 12.64 25.69 -2.24
CA ARG B 350 13.17 24.66 -3.10
C ARG B 350 12.72 24.83 -4.54
N GLY B 351 12.09 25.95 -4.85
CA GLY B 351 11.68 26.24 -6.20
C GLY B 351 10.76 25.19 -6.80
N MET B 352 9.56 25.10 -6.25
CA MET B 352 8.55 24.20 -6.75
C MET B 352 7.30 25.02 -7.01
N GLU B 353 6.61 24.68 -8.10
CA GLU B 353 5.34 25.32 -8.40
C GLU B 353 4.35 25.07 -7.27
N ILE B 354 3.75 26.14 -6.76
CA ILE B 354 3.12 26.10 -5.44
C ILE B 354 1.83 25.26 -5.51
N SER B 355 1.68 24.37 -4.53
CA SER B 355 0.48 23.55 -4.46
C SER B 355 -0.74 24.46 -4.31
N PRO B 356 -1.88 24.11 -4.94
CA PRO B 356 -3.08 24.94 -4.83
C PRO B 356 -3.38 25.43 -3.41
N MET B 357 -3.57 26.74 -3.27
CA MET B 357 -3.98 27.42 -2.02
C MET B 357 -2.89 27.40 -0.95
N CYS B 358 -1.62 27.25 -1.33
CA CYS B 358 -0.51 27.30 -0.39
C CYS B 358 0.34 28.57 -0.56
N ASP B 359 -0.13 29.49 -1.37
CA ASP B 359 0.62 30.70 -1.75
C ASP B 359 0.09 31.85 -0.91
N LYS B 360 0.86 32.26 0.11
CA LYS B 360 0.41 33.33 1.00
C LYS B 360 0.18 34.63 0.23
N HIS B 361 0.85 34.81 -0.91
CA HIS B 361 0.80 36.07 -1.65
C HIS B 361 -0.30 36.13 -2.69
N ASN B 362 -1.03 35.04 -2.94
CA ASN B 362 -2.19 35.11 -3.82
C ASN B 362 -3.28 34.15 -3.33
N ALA B 363 -3.60 34.26 -2.03
CA ALA B 363 -4.55 33.36 -1.37
C ALA B 363 -5.85 34.08 -1.05
N SER B 364 -6.97 33.45 -1.40
CA SER B 364 -8.28 33.94 -1.00
C SER B 364 -8.84 32.92 -0.01
N VAL B 365 -8.54 33.13 1.27
CA VAL B 365 -8.85 32.15 2.30
C VAL B 365 -10.34 31.86 2.35
N GLU B 366 -11.15 32.90 2.23
CA GLU B 366 -12.59 32.72 2.38
C GLU B 366 -13.19 32.05 1.16
N LYS B 367 -12.85 32.54 -0.03
CA LYS B 367 -13.26 31.87 -1.27
C LYS B 367 -12.92 30.38 -1.20
N SER B 368 -11.74 30.04 -0.69
CA SER B 368 -11.32 28.65 -0.66
C SER B 368 -12.18 27.83 0.31
N GLN B 369 -12.59 28.41 1.44
CA GLN B 369 -13.47 27.68 2.36
C GLN B 369 -14.83 27.39 1.71
N VAL B 370 -15.37 28.36 0.97
CA VAL B 370 -16.65 28.17 0.29
C VAL B 370 -16.54 27.09 -0.78
N GLY B 371 -15.48 27.13 -1.59
CA GLY B 371 -15.24 26.04 -2.53
C GLY B 371 -15.03 24.71 -1.83
N PHE B 372 -14.23 24.70 -0.77
CA PHE B 372 -14.00 23.49 0.00
C PHE B 372 -15.32 22.88 0.48
N ILE B 373 -16.22 23.74 0.99
CA ILE B 373 -17.54 23.30 1.43
C ILE B 373 -18.39 22.86 0.23
N ASP B 374 -18.44 23.70 -0.81
CA ASP B 374 -19.27 23.38 -1.95
C ASP B 374 -18.86 22.07 -2.61
N TYR B 375 -17.54 21.84 -2.78
CA TYR B 375 -17.07 20.77 -3.65
C TYR B 375 -16.61 19.52 -2.91
N ILE B 376 -16.35 19.60 -1.60
CA ILE B 376 -15.90 18.45 -0.83
C ILE B 376 -16.77 18.22 0.40
N VAL B 377 -16.86 19.22 1.28
CA VAL B 377 -17.40 18.99 2.62
C VAL B 377 -18.91 18.78 2.59
N HIS B 378 -19.63 19.62 1.83
CA HIS B 378 -21.08 19.48 1.80
C HIS B 378 -21.52 18.22 1.07
N PRO B 379 -21.02 17.89 -0.14
CA PRO B 379 -21.36 16.59 -0.74
C PRO B 379 -21.26 15.43 0.22
N LEU B 380 -20.23 15.46 1.06
CA LEU B 380 -19.96 14.36 1.97
C LEU B 380 -20.97 14.33 3.12
N TRP B 381 -21.21 15.49 3.71
CA TRP B 381 -22.14 15.57 4.82
C TRP B 381 -23.59 15.55 4.37
N GLU B 382 -23.85 15.86 3.09
CA GLU B 382 -25.15 15.61 2.52
C GLU B 382 -25.42 14.12 2.41
N THR B 383 -24.48 13.37 1.83
CA THR B 383 -24.67 11.93 1.65
C THR B 383 -24.75 11.22 2.99
N TRP B 384 -23.91 11.62 3.94
CA TRP B 384 -23.98 11.00 5.26
C TRP B 384 -25.25 11.38 6.01
N ALA B 385 -25.82 12.56 5.74
CA ALA B 385 -27.08 12.93 6.37
C ALA B 385 -28.18 11.94 5.99
N ASP B 386 -28.32 11.68 4.68
CA ASP B 386 -29.20 10.62 4.18
C ASP B 386 -29.02 9.32 4.96
N LEU B 387 -27.78 8.92 5.22
CA LEU B 387 -27.53 7.64 5.87
C LEU B 387 -28.13 7.61 7.28
N VAL B 388 -27.82 8.60 8.10
CA VAL B 388 -28.28 8.64 9.49
C VAL B 388 -29.59 9.43 9.64
N HIS B 389 -30.23 9.77 8.52
CA HIS B 389 -31.44 10.62 8.45
C HIS B 389 -32.42 10.50 9.63
N PRO B 390 -32.62 11.61 10.36
CA PRO B 390 -32.02 12.94 10.21
C PRO B 390 -31.15 13.31 11.39
N ASP B 391 -30.36 12.35 11.83
CA ASP B 391 -29.60 12.53 13.06
C ASP B 391 -28.42 13.46 12.90
N ALA B 392 -28.04 13.76 11.67
CA ALA B 392 -26.99 14.72 11.36
C ALA B 392 -27.63 15.98 10.78
N GLN B 393 -28.78 16.39 11.34
CA GLN B 393 -29.38 17.63 10.89
C GLN B 393 -28.76 18.83 11.59
N ASP B 394 -28.65 18.77 12.92
CA ASP B 394 -27.91 19.80 13.63
C ASP B 394 -26.46 19.92 13.15
N ILE B 395 -25.93 18.90 12.46
CA ILE B 395 -24.59 18.99 11.86
C ILE B 395 -24.65 19.59 10.47
N LEU B 396 -25.51 19.08 9.60
CA LEU B 396 -25.58 19.62 8.25
C LEU B 396 -26.11 21.05 8.23
N ASP B 397 -26.95 21.42 9.21
CA ASP B 397 -27.47 22.79 9.28
C ASP B 397 -26.34 23.77 9.54
N THR B 398 -25.53 23.48 10.56
CA THR B 398 -24.38 24.31 10.92
C THR B 398 -23.43 24.51 9.75
N LEU B 399 -23.32 23.50 8.88
CA LEU B 399 -22.43 23.62 7.74
C LEU B 399 -22.96 24.64 6.75
N GLU B 400 -24.27 24.63 6.51
CA GLU B 400 -24.87 25.62 5.62
C GLU B 400 -24.75 27.02 6.23
N ASP B 401 -24.91 27.14 7.55
CA ASP B 401 -24.72 28.42 8.22
C ASP B 401 -23.28 28.90 8.05
N ASN B 402 -22.33 28.06 8.46
CA ASN B 402 -20.92 28.41 8.34
C ASN B 402 -20.56 28.76 6.90
N ARG B 403 -21.11 28.03 5.92
CA ARG B 403 -20.82 28.32 4.53
C ARG B 403 -21.37 29.68 4.13
N GLU B 404 -22.55 30.02 4.62
CA GLU B 404 -23.17 31.29 4.29
C GLU B 404 -22.38 32.45 4.88
N TRP B 405 -21.89 32.27 6.11
CA TRP B 405 -21.06 33.30 6.73
C TRP B 405 -19.78 33.54 5.95
N TYR B 406 -19.00 32.47 5.71
CA TYR B 406 -17.77 32.65 4.93
C TYR B 406 -18.06 33.29 3.58
N GLN B 407 -19.18 32.97 2.95
CA GLN B 407 -19.53 33.66 1.71
C GLN B 407 -19.80 35.14 1.96
N SER B 408 -20.40 35.47 3.10
CA SER B 408 -20.67 36.87 3.39
C SER B 408 -19.39 37.66 3.63
N THR B 409 -18.32 37.02 4.12
CA THR B 409 -17.06 37.74 4.25
C THR B 409 -16.40 38.04 2.92
N ILE B 410 -16.93 37.51 1.82
CA ILE B 410 -16.40 37.79 0.47
C ILE B 410 -17.16 38.98 -0.09
N PRO B 411 -16.49 40.12 -0.33
CA PRO B 411 -17.22 41.11 -1.13
C PRO B 411 -17.24 40.68 -2.61
ZN ZN C . 9.74 -13.59 -7.46
MG MG D . 8.02 -11.70 -4.72
O33 A1EKX E . 0.22 -18.08 -0.31
C30 A1EKX E . -0.08 -17.70 -1.40
O31 A1EKX E . -0.51 -16.36 -1.57
C32 A1EKX E . -0.25 -15.50 -0.48
C29 A1EKX E . -0.01 -18.58 -2.52
C28 A1EKX E . 1.16 -18.22 -3.51
N34 A1EKX E . 0.25 -20.04 -2.08
C35 A1EKX E . 1.25 -20.46 -2.85
C27 A1EKX E . 2.09 -19.15 -3.36
O26 A1EKX E . 3.09 -18.77 -2.36
C25 A1EKX E . 4.02 -17.80 -2.87
C2 A1EKX E . 4.01 -16.45 -2.46
O1 A1EKX E . 3.06 -15.98 -1.53
C6 A1EKX E . 5.01 -18.21 -3.82
O7 A1EKX E . 5.22 -19.43 -4.36
C8 A1EKX E . 6.19 -19.41 -5.23
C24 A1EKX E . 6.74 -18.12 -5.31
C5 A1EKX E . 5.93 -17.31 -4.37
C4 A1EKX E . 5.90 -15.95 -3.96
C3 A1EKX E . 4.94 -15.53 -3.01
C9 A1EKX E . 6.66 -20.69 -5.95
C23 A1EKX E . 7.71 -20.73 -6.87
C22 A1EKX E . 8.08 -21.96 -7.45
C17 A1EKX E . 7.42 -23.14 -7.10
O18 A1EKX E . 7.75 -24.41 -7.64
F21 A1EKX E . 9.78 -24.17 -8.58
F20 A1EKX E . 7.97 -23.58 -9.76
C19 A1EKX E . 8.48 -24.46 -8.83
C11 A1EKX E . 6.38 -23.08 -6.16
C10 A1EKX E . 6.00 -21.87 -5.58
O12 A1EKX E . 5.66 -24.25 -5.77
C13 A1EKX E . 4.41 -23.94 -5.21
C14 A1EKX E . 4.05 -25.08 -4.25
C16 A1EKX E . 3.10 -25.88 -3.62
C15 A1EKX E . 4.46 -26.08 -3.39
ZN ZN F . -6.73 14.33 9.85
MG MG G . -4.49 12.65 7.69
O33 A1EKX H . -9.73 17.29 -1.35
C30 A1EKX H . -9.49 18.45 -1.50
O31 A1EKX H . -9.76 19.09 -2.74
C32 A1EKX H . -10.21 18.21 -3.78
C29 A1EKX H . -8.93 19.23 -0.44
C28 A1EKX H . -8.02 18.38 0.53
N34 A1EKX H . -8.04 20.35 -1.00
C35 A1EKX H . -6.84 20.18 -0.48
C27 A1EKX H . -6.97 19.13 0.77
O26 A1EKX H . -5.73 18.37 0.98
C25 A1EKX H . -5.69 17.67 2.23
C2 A1EKX H . -5.01 16.46 2.31
O1 A1EKX H . -4.37 15.97 1.15
C6 A1EKX H . -6.34 18.17 3.41
O7 A1EKX H . -7.05 19.30 3.59
C8 A1EKX H . -7.50 19.41 4.81
C24 A1EKX H . -7.06 18.29 5.57
C5 A1EKX H . -6.28 17.47 4.62
C4 A1EKX H . -5.58 16.23 4.69
C3 A1EKX H . -4.95 15.74 3.53
C9 A1EKX H . -8.30 20.63 5.28
C23 A1EKX H . -8.69 20.79 6.62
C22 A1EKX H . -9.37 21.95 7.01
C17 A1EKX H . -9.67 22.93 6.04
O18 A1EKX H . -10.36 24.11 6.35
F21 A1EKX H . -11.96 22.89 7.40
F20 A1EKX H . -10.44 24.04 8.60
C19 A1EKX H . -11.21 24.03 7.46
C11 A1EKX H . -9.26 22.76 4.72
C10 A1EKX H . -8.57 21.62 4.33
O12 A1EKX H . -9.55 23.74 3.76
C13 A1EKX H . -8.95 23.44 2.53
C14 A1EKX H . -8.96 24.77 1.75
C16 A1EKX H . -9.42 25.53 0.69
C15 A1EKX H . -8.53 26.07 1.62
#